data_8G46
#
_entry.id   8G46
#
_cell.length_a   1.00
_cell.length_b   1.00
_cell.length_c   1.00
_cell.angle_alpha   90.00
_cell.angle_beta   90.00
_cell.angle_gamma   90.00
#
_symmetry.space_group_name_H-M   'P 1'
#
loop_
_entity.id
_entity.type
_entity.pdbx_description
1 polymer 'DNA damage-binding protein 1'
2 polymer 'DDB1- and CUL4-associated factor 16'
3 polymer 'Bromodomain-containing protein 4'
4 polymer 'DET1- and DDB1-associated protein 1'
5 non-polymer 'ZINC ION'
6 non-polymer 'tert-butyl [(6S,10P)-4-{4-[(ethanesulfonyl)amino]phenyl}-2,3,9-trimethyl-6H-thieno[3,2-f][1,2,4]triazolo[4,3-a][1,4]diazepin-6-yl]acetate'
7 water water
#
loop_
_entity_poly.entity_id
_entity_poly.type
_entity_poly.pdbx_seq_one_letter_code
_entity_poly.pdbx_strand_id
1 'polypeptide(L)'
;MGSSHHHHHHSAAHIVMVDAYKPTKGGRMSYNYVVTAQKPTAVNGCVTGHFTSAEDLNLLIAKNTRLEIYVVTAEGLRPV
KEVGMYGKIAVMELFRPKGESKDLLFILTAKYNACILEYKQSGESIDIITRAHGNVQDRIGRPSETGIIGIIDPECRMIG
LRLYDGLFKVIPLDRDNKELKAFNIRLEELHVIDVKFLYGCQAPTICFVYQDPQGRHVKTYEVSLREKEFNKGPWKQENV
EAEASMVIAVPEPFGGAIIIGQESITYHNGDKYLAIAPPIIKQSTIVCHNRVDPNGSRYLLGDMEGRLFMLLLEKEEQMD
GTVTLKDLRVELLGETSIAECLTYLDNGVVFVGSRLGDSQLVKLNVDSNEQGSYVVAMETFTNLGPIVDMCVVDLERQGQ
GQLVTCSGAFKEGSLRIIRNGIGGNGNSGEIQKLHIRTVPLYESPRKICYQEVSQCFGVLSSRIEVQDTSGGTTALRPSA
STQALSSSVSSSKLFSSSTAPHETSFGEEVEVHNLLIIDQHTFEVLHAHQFLQNEYALSLVSCKLGKDPNTYFIVGTAMV
YPEEAEPKQGRIVVFQYSDGKLQTVAEKEVKGAVYSMVEFNGKLLASINSTVRLYEWTTEKELRTECNHYNNIMALYLKT
KGDFILVGDLMRSVLLLAYKPMEGNFEEIARDFNPNWMSAVEILDDDNFLGAENAFNLFVCQKDSAATTDEERQHLQEVG
LFHLGEFVNVFCHGSLVMQNLGETSTPTQGSVLFGTVNGMIGLVTSLSESWYNLLLDMQNRLNKVIKSVGKIEHSFWRSF
HTERKTEPATGFIDGDLIESFLDISRPKMQEVVANLQYDDGSGMKREATADDLIKVVEELTRIH
;
A
2 'polypeptide(L)'
;GGGRMGPRNPSPDHLSESESEEEENISYLNESSGEEWDSSEEEDSMVPNLSPLESLAWQVKCLLKYSTTWKPLNPNSWLY
HAKLLDPSTPVHILREIGLRLSHCSHCVPKLEPIPEWPPLASCGVPPFQKPLTSPSRLSRDHATLNGALQFATKQLSRTL
SRATPIPEYLKQIPNSCVSGCCCGWLTKTVKETTRTEPINTTYSYTDFQKAVNKLLTASL
;
B
3 'polypeptide(L)'
;GKDVPDSQQHPAPEKSSKVSEQLKCCSGILKEMFAKKHAAYAWPFYKPVDVEALGLHDYCDIIKHPMDMSTIKSKLEARE
YRDAQEFGADVRLMFSNCYKYNPPDHEVVAMARKLQDVFEMRFAKMPDE
;
C
4 'polypeptide(L)'
;GGGRMADFLKGLPVYNKSNFSRFHADSVCKASNRRPSVYLPTREYPSEQIIVTEKTNILLRYLHQQWDKKNAAKKRDQEQ
VELEGESSAPPRKVARTDSPDMHEDT
;
E
#
# COMPACT_ATOMS: atom_id res chain seq x y z
N SER A 30 -0.56 1.82 24.19
CA SER A 30 0.87 1.42 24.05
C SER A 30 1.76 2.67 24.02
N TYR A 31 3.04 2.48 24.34
CA TYR A 31 4.00 3.58 24.34
C TYR A 31 5.18 3.17 23.47
N ASN A 32 5.35 3.86 22.35
CA ASN A 32 6.36 3.52 21.36
C ASN A 32 7.17 4.76 21.01
N TYR A 33 8.43 4.51 20.61
CA TYR A 33 9.38 5.55 20.26
C TYR A 33 9.91 5.23 18.87
N VAL A 34 9.68 6.16 17.93
CA VAL A 34 10.09 5.97 16.54
C VAL A 34 11.17 6.98 16.19
N VAL A 35 12.29 6.48 15.65
CA VAL A 35 13.41 7.35 15.33
C VAL A 35 14.00 6.91 14.00
N THR A 36 14.43 7.88 13.20
CA THR A 36 15.05 7.61 11.92
C THR A 36 16.51 7.24 12.11
N ALA A 37 16.91 6.06 11.61
CA ALA A 37 18.32 5.68 11.59
C ALA A 37 19.00 6.11 10.28
N GLN A 38 18.27 6.03 9.18
CA GLN A 38 18.76 6.44 7.87
C GLN A 38 17.68 7.28 7.21
N LYS A 39 18.01 8.52 6.86
CA LYS A 39 17.07 9.41 6.21
C LYS A 39 16.74 8.87 4.84
N PRO A 40 15.58 9.23 4.27
CA PRO A 40 15.23 8.77 2.93
C PRO A 40 16.26 9.24 1.91
N THR A 41 16.57 8.35 0.97
CA THR A 41 17.60 8.58 -0.03
C THR A 41 17.02 8.70 -1.44
N ALA A 42 15.80 8.20 -1.68
CA ALA A 42 15.21 8.27 -2.99
C ALA A 42 14.91 9.72 -3.33
N VAL A 43 15.24 10.11 -4.56
CA VAL A 43 15.02 11.46 -5.03
C VAL A 43 13.67 11.53 -5.71
N ASN A 44 12.78 12.36 -5.16
N ASN A 44 12.77 12.37 -5.16
CA ASN A 44 11.45 12.55 -5.70
CA ASN A 44 11.44 12.54 -5.72
C ASN A 44 11.35 13.82 -6.55
C ASN A 44 11.34 13.84 -6.52
N GLY A 45 12.26 14.77 -6.35
CA GLY A 45 12.24 15.97 -7.17
C GLY A 45 13.60 16.67 -7.19
N CYS A 46 13.83 17.47 -8.23
CA CYS A 46 15.04 18.27 -8.32
C CYS A 46 14.79 19.48 -9.21
N VAL A 47 15.37 20.62 -8.83
CA VAL A 47 15.28 21.85 -9.61
C VAL A 47 16.61 22.58 -9.55
N THR A 48 16.82 23.48 -10.51
CA THR A 48 17.94 24.40 -10.52
C THR A 48 17.42 25.83 -10.51
N GLY A 49 18.22 26.71 -9.93
CA GLY A 49 17.87 28.11 -9.93
C GLY A 49 18.88 28.93 -9.16
N HIS A 50 18.47 30.12 -8.73
CA HIS A 50 19.32 31.01 -7.94
C HIS A 50 18.58 31.34 -6.66
N PHE A 51 18.71 30.44 -5.68
CA PHE A 51 17.88 30.49 -4.48
C PHE A 51 18.64 31.03 -3.28
N THR A 52 19.90 30.60 -3.09
CA THR A 52 20.67 31.07 -1.96
C THR A 52 21.18 32.51 -2.15
N SER A 53 21.44 32.88 -3.40
CA SER A 53 21.88 34.24 -3.73
C SER A 53 21.64 34.44 -5.22
N ALA A 54 21.71 35.70 -5.65
CA ALA A 54 21.50 36.04 -7.06
C ALA A 54 22.59 35.46 -7.95
N GLU A 55 23.78 35.22 -7.38
CA GLU A 55 24.93 34.76 -8.16
C GLU A 55 25.09 33.24 -8.10
N ASP A 56 24.66 32.61 -7.00
CA ASP A 56 24.84 31.18 -6.82
C ASP A 56 23.95 30.39 -7.78
N LEU A 57 24.52 29.33 -8.37
CA LEU A 57 23.75 28.36 -9.12
C LEU A 57 23.42 27.19 -8.21
N ASN A 58 22.15 27.05 -7.85
CA ASN A 58 21.70 26.13 -6.82
C ASN A 58 20.97 24.94 -7.45
N LEU A 59 21.28 23.75 -6.93
CA LEU A 59 20.48 22.56 -7.17
C LEU A 59 19.72 22.20 -5.89
N LEU A 60 18.40 22.10 -5.99
CA LEU A 60 17.56 21.75 -4.86
C LEU A 60 16.99 20.36 -5.11
N ILE A 61 17.13 19.48 -4.10
CA ILE A 61 16.68 18.11 -4.21
C ILE A 61 15.64 17.84 -3.12
N ALA A 62 14.51 17.27 -3.55
CA ALA A 62 13.44 16.89 -2.65
C ALA A 62 13.45 15.35 -2.54
N LYS A 63 13.83 14.87 -1.35
CA LYS A 63 13.75 13.47 -1.01
C LYS A 63 12.68 13.25 0.05
N ASN A 64 11.43 13.15 -0.41
CA ASN A 64 10.29 12.93 0.48
C ASN A 64 10.13 14.09 1.47
N THR A 65 10.60 13.89 2.68
CA THR A 65 10.51 14.89 3.75
C THR A 65 11.78 15.73 3.86
N ARG A 66 12.78 15.49 3.01
CA ARG A 66 14.02 16.25 3.06
C ARG A 66 14.13 17.20 1.88
N LEU A 67 14.69 18.39 2.14
CA LEU A 67 15.03 19.35 1.10
C LEU A 67 16.51 19.71 1.25
N GLU A 68 17.30 19.34 0.23
CA GLU A 68 18.73 19.61 0.24
C GLU A 68 19.03 20.74 -0.74
N ILE A 69 19.90 21.67 -0.32
CA ILE A 69 20.32 22.78 -1.15
C ILE A 69 21.80 22.63 -1.43
N TYR A 70 22.17 22.64 -2.71
CA TYR A 70 23.54 22.54 -3.16
C TYR A 70 23.90 23.78 -3.98
N VAL A 71 25.16 24.21 -3.86
CA VAL A 71 25.70 25.23 -4.72
C VAL A 71 26.62 24.56 -5.74
N VAL A 72 26.39 24.83 -7.01
CA VAL A 72 27.24 24.33 -8.08
C VAL A 72 28.53 25.15 -8.09
N THR A 73 29.67 24.46 -7.92
CA THR A 73 30.95 25.11 -7.81
C THR A 73 31.95 24.43 -8.73
N ALA A 74 33.22 24.87 -8.63
CA ALA A 74 34.30 24.28 -9.43
C ALA A 74 34.56 22.83 -9.02
N GLU A 75 34.29 22.50 -7.75
CA GLU A 75 34.58 21.17 -7.24
C GLU A 75 33.36 20.26 -7.28
N GLY A 76 32.24 20.72 -7.84
CA GLY A 76 31.03 19.91 -7.91
C GLY A 76 29.89 20.53 -7.11
N LEU A 77 29.10 19.69 -6.44
CA LEU A 77 27.95 20.17 -5.68
C LEU A 77 28.36 20.39 -4.23
N ARG A 78 28.21 21.62 -3.74
CA ARG A 78 28.53 21.93 -2.36
C ARG A 78 27.24 22.08 -1.58
N PRO A 79 26.93 21.19 -0.62
CA PRO A 79 25.73 21.35 0.19
C PRO A 79 25.88 22.50 1.18
N VAL A 80 24.88 23.37 1.24
CA VAL A 80 24.90 24.55 2.08
C VAL A 80 23.87 24.45 3.20
N LYS A 81 22.69 23.87 2.92
CA LYS A 81 21.76 23.57 3.99
C LYS A 81 20.85 22.42 3.61
N GLU A 82 20.69 21.48 4.55
CA GLU A 82 19.72 20.40 4.44
C GLU A 82 18.65 20.63 5.50
N VAL A 83 17.39 20.58 5.06
CA VAL A 83 16.29 20.89 5.94
C VAL A 83 15.29 19.73 5.93
N GLY A 84 14.59 19.58 7.05
CA GLY A 84 13.49 18.64 7.17
C GLY A 84 12.18 19.41 7.24
N MET A 85 11.17 18.91 6.50
CA MET A 85 9.86 19.49 6.56
C MET A 85 8.89 18.54 7.27
N TYR A 86 7.85 19.13 7.85
CA TYR A 86 6.73 18.39 8.43
C TYR A 86 5.70 18.06 7.36
N GLY A 87 6.13 17.36 6.32
CA GLY A 87 5.25 16.96 5.24
C GLY A 87 6.03 16.18 4.18
N LYS A 88 5.28 15.56 3.27
CA LYS A 88 5.86 14.86 2.15
C LYS A 88 5.86 15.79 0.94
N ILE A 89 7.04 16.22 0.51
CA ILE A 89 7.12 17.20 -0.57
C ILE A 89 6.62 16.61 -1.87
N ALA A 90 5.57 17.22 -2.42
CA ALA A 90 5.00 16.81 -3.69
C ALA A 90 5.26 17.82 -4.81
N VAL A 91 5.37 19.11 -4.47
CA VAL A 91 5.68 20.16 -5.43
C VAL A 91 6.86 20.97 -4.88
N MET A 92 7.82 21.28 -5.74
CA MET A 92 9.00 22.07 -5.35
C MET A 92 9.48 22.85 -6.56
N GLU A 93 9.13 24.14 -6.61
CA GLU A 93 9.34 24.96 -7.79
C GLU A 93 9.97 26.29 -7.38
N LEU A 94 10.94 26.76 -8.16
CA LEU A 94 11.55 28.04 -7.92
C LEU A 94 10.91 29.09 -8.83
N PHE A 95 10.74 30.29 -8.29
CA PHE A 95 10.17 31.39 -9.02
C PHE A 95 10.76 32.70 -8.48
N ARG A 96 10.83 33.70 -9.37
CA ARG A 96 11.34 35.00 -9.00
C ARG A 96 10.30 36.07 -9.29
N PRO A 97 9.58 36.56 -8.26
CA PRO A 97 8.68 37.69 -8.46
C PRO A 97 9.45 38.95 -8.84
N LYS A 98 8.75 39.87 -9.49
CA LYS A 98 9.33 41.17 -9.80
C LYS A 98 9.68 41.91 -8.51
N GLY A 99 10.87 42.51 -8.50
CA GLY A 99 11.37 43.22 -7.33
C GLY A 99 12.15 42.34 -6.38
N GLU A 100 12.17 41.02 -6.60
CA GLU A 100 12.92 40.11 -5.75
C GLU A 100 14.34 39.96 -6.32
N SER A 101 15.32 40.02 -5.41
CA SER A 101 16.72 39.97 -5.81
C SER A 101 17.17 38.54 -6.14
N LYS A 102 16.45 37.54 -5.61
CA LYS A 102 16.79 36.14 -5.88
C LYS A 102 15.52 35.31 -5.81
N ASP A 103 15.61 34.08 -6.32
CA ASP A 103 14.44 33.22 -6.49
C ASP A 103 13.82 32.85 -5.14
N LEU A 104 12.49 32.81 -5.12
CA LEU A 104 11.75 32.25 -4.02
C LEU A 104 11.34 30.81 -4.36
N LEU A 105 11.12 30.03 -3.30
CA LEU A 105 10.78 28.62 -3.46
C LEU A 105 9.32 28.44 -3.09
N PHE A 106 8.62 27.59 -3.86
CA PHE A 106 7.31 27.14 -3.47
C PHE A 106 7.36 25.64 -3.16
N ILE A 107 6.86 25.27 -1.99
CA ILE A 107 6.76 23.87 -1.62
C ILE A 107 5.34 23.54 -1.23
N LEU A 108 4.83 22.45 -1.81
CA LEU A 108 3.57 21.88 -1.36
C LEU A 108 3.83 20.48 -0.83
N THR A 109 3.19 20.14 0.26
CA THR A 109 3.33 18.81 0.85
C THR A 109 2.17 17.91 0.42
N ALA A 110 2.31 16.61 0.70
CA ALA A 110 1.24 15.67 0.43
C ALA A 110 0.01 15.96 1.30
N LYS A 111 0.21 16.54 2.49
CA LYS A 111 -0.90 16.99 3.31
C LYS A 111 -1.32 18.42 2.99
N TYR A 112 -1.02 18.90 1.79
CA TYR A 112 -1.50 20.17 1.25
C TYR A 112 -1.03 21.35 2.09
N ASN A 113 0.14 21.25 2.71
CA ASN A 113 0.78 22.39 3.33
C ASN A 113 1.58 23.13 2.26
N ALA A 114 1.16 24.37 1.96
CA ALA A 114 1.80 25.20 0.95
C ALA A 114 2.62 26.27 1.64
N CYS A 115 3.83 26.51 1.15
CA CYS A 115 4.67 27.53 1.71
C CYS A 115 5.52 28.16 0.62
N ILE A 116 5.62 29.49 0.68
CA ILE A 116 6.56 30.26 -0.12
C ILE A 116 7.71 30.62 0.82
N LEU A 117 8.89 30.10 0.47
CA LEU A 117 10.08 30.17 1.29
C LEU A 117 11.13 31.06 0.63
N GLU A 118 11.93 31.70 1.48
CA GLU A 118 13.02 32.55 1.05
C GLU A 118 14.28 32.12 1.80
N TYR A 119 15.37 32.01 1.05
CA TYR A 119 16.67 31.74 1.65
C TYR A 119 17.23 33.06 2.17
N LYS A 120 17.57 33.09 3.46
CA LYS A 120 18.11 34.28 4.08
C LYS A 120 19.44 33.94 4.73
N GLN A 121 20.45 34.77 4.43
CA GLN A 121 21.78 34.61 5.02
C GLN A 121 22.22 35.95 5.59
N SER A 122 22.71 35.93 6.83
CA SER A 122 23.12 37.15 7.53
C SER A 122 24.53 37.00 8.12
N GLY A 123 25.31 36.05 7.58
CA GLY A 123 26.66 35.83 8.03
C GLY A 123 26.76 34.65 9.00
N GLU A 124 27.20 33.50 8.46
CA GLU A 124 27.37 32.26 9.20
C GLU A 124 26.06 31.76 9.82
N SER A 125 24.93 32.40 9.48
CA SER A 125 23.61 31.98 9.94
C SER A 125 22.72 31.83 8.72
N ILE A 126 22.16 30.62 8.55
CA ILE A 126 21.33 30.31 7.40
C ILE A 126 19.94 29.95 7.89
N ASP A 127 18.94 30.68 7.40
CA ASP A 127 17.56 30.48 7.79
C ASP A 127 16.69 30.38 6.53
N ILE A 128 15.76 29.43 6.54
CA ILE A 128 14.76 29.36 5.50
C ILE A 128 13.52 30.12 5.99
N ILE A 129 13.35 31.33 5.49
CA ILE A 129 12.27 32.19 5.93
C ILE A 129 10.98 31.76 5.22
N THR A 130 9.92 31.63 6.01
CA THR A 130 8.60 31.34 5.48
C THR A 130 7.93 32.66 5.12
N ARG A 131 8.07 33.07 3.87
CA ARG A 131 7.42 34.29 3.42
C ARG A 131 5.92 34.14 3.52
N ALA A 132 5.40 32.98 3.11
CA ALA A 132 3.95 32.75 3.18
C ALA A 132 3.73 31.28 3.51
N HIS A 133 2.62 31.01 4.18
CA HIS A 133 2.27 29.63 4.51
C HIS A 133 0.77 29.50 4.60
N GLY A 134 0.29 28.29 4.36
CA GLY A 134 -1.12 28.00 4.47
C GLY A 134 -1.37 26.52 4.19
N ASN A 135 -2.63 26.13 4.32
CA ASN A 135 -3.08 24.81 3.90
C ASN A 135 -4.12 24.99 2.79
N VAL A 136 -3.90 24.33 1.66
CA VAL A 136 -4.74 24.54 0.49
C VAL A 136 -5.61 23.30 0.21
N GLN A 137 -5.78 22.43 1.20
CA GLN A 137 -6.68 21.31 1.03
C GLN A 137 -8.11 21.81 0.96
N ASP A 138 -8.96 21.00 0.31
CA ASP A 138 -10.38 21.27 0.22
C ASP A 138 -11.14 20.26 1.07
N ARG A 139 -12.26 20.70 1.65
CA ARG A 139 -13.09 19.80 2.45
C ARG A 139 -13.59 18.64 1.60
N ILE A 140 -14.06 18.96 0.38
CA ILE A 140 -14.54 17.95 -0.55
C ILE A 140 -13.67 18.01 -1.79
N GLY A 141 -13.33 16.84 -2.32
CA GLY A 141 -12.55 16.73 -3.53
C GLY A 141 -11.95 15.33 -3.69
N ARG A 142 -11.91 14.86 -4.94
CA ARG A 142 -11.36 13.56 -5.25
C ARG A 142 -9.92 13.74 -5.72
N PRO A 143 -8.91 13.24 -5.00
CA PRO A 143 -7.54 13.39 -5.46
C PRO A 143 -7.33 12.75 -6.83
N SER A 144 -6.55 13.43 -7.66
CA SER A 144 -6.35 13.04 -9.04
C SER A 144 -5.47 11.80 -9.13
N GLU A 145 -5.66 11.03 -10.20
CA GLU A 145 -4.93 9.78 -10.39
C GLU A 145 -3.45 10.06 -10.62
N THR A 146 -3.14 11.05 -11.46
CA THR A 146 -1.76 11.36 -11.79
C THR A 146 -1.06 12.15 -10.70
N GLY A 147 -1.79 12.55 -9.66
CA GLY A 147 -1.19 13.13 -8.48
C GLY A 147 -1.27 14.66 -8.48
N ILE A 148 -0.71 15.24 -7.43
CA ILE A 148 -0.67 16.68 -7.26
C ILE A 148 0.29 17.26 -8.28
N ILE A 149 -0.19 18.28 -9.01
CA ILE A 149 0.64 19.04 -9.93
C ILE A 149 0.71 20.48 -9.44
N GLY A 150 1.91 21.01 -9.33
CA GLY A 150 2.11 22.41 -8.97
C GLY A 150 2.95 23.15 -10.00
N ILE A 151 2.36 24.14 -10.65
CA ILE A 151 3.02 24.90 -11.70
C ILE A 151 2.98 26.38 -11.34
N ILE A 152 3.95 27.13 -11.86
CA ILE A 152 4.06 28.55 -11.61
C ILE A 152 4.12 29.27 -12.96
N ASP A 153 3.41 30.40 -13.01
CA ASP A 153 3.37 31.28 -14.16
C ASP A 153 4.76 31.84 -14.43
N PRO A 154 5.19 31.89 -15.70
CA PRO A 154 6.51 32.44 -16.04
C PRO A 154 6.74 33.86 -15.52
N GLU A 155 5.67 34.67 -15.49
CA GLU A 155 5.75 36.01 -14.95
C GLU A 155 5.43 36.06 -13.46
N CYS A 156 5.26 34.89 -12.82
CA CYS A 156 5.03 34.80 -11.40
C CYS A 156 3.79 35.59 -10.99
N ARG A 157 2.76 35.53 -11.82
CA ARG A 157 1.49 36.17 -11.50
C ARG A 157 0.66 35.29 -10.55
N MET A 158 0.84 33.97 -10.61
CA MET A 158 0.06 33.06 -9.79
C MET A 158 0.78 31.74 -9.68
N ILE A 159 0.31 30.91 -8.74
CA ILE A 159 0.67 29.51 -8.65
C ILE A 159 -0.58 28.69 -8.93
N GLY A 160 -0.49 27.76 -9.87
CA GLY A 160 -1.56 26.86 -10.19
C GLY A 160 -1.32 25.49 -9.55
N LEU A 161 -2.39 24.90 -9.02
CA LEU A 161 -2.34 23.59 -8.40
C LEU A 161 -3.47 22.74 -8.94
N ARG A 162 -3.11 21.61 -9.54
CA ARG A 162 -4.05 20.56 -9.89
C ARG A 162 -4.01 19.57 -8.74
N LEU A 163 -5.02 19.66 -7.87
CA LEU A 163 -5.12 18.83 -6.66
C LEU A 163 -6.23 17.77 -6.79
N TYR A 164 -7.37 18.15 -7.33
CA TYR A 164 -8.54 17.29 -7.40
C TYR A 164 -9.11 17.34 -8.81
N ASP A 165 -9.93 16.34 -9.14
CA ASP A 165 -10.62 16.32 -10.41
C ASP A 165 -11.62 17.47 -10.46
N GLY A 166 -11.57 18.24 -11.54
CA GLY A 166 -12.50 19.33 -11.78
C GLY A 166 -12.21 20.59 -10.99
N LEU A 167 -11.02 20.73 -10.42
CA LEU A 167 -10.70 21.91 -9.63
C LEU A 167 -9.25 22.32 -9.90
N PHE A 168 -9.09 23.55 -10.39
CA PHE A 168 -7.78 24.15 -10.56
C PHE A 168 -7.64 25.27 -9.54
N LYS A 169 -6.71 25.12 -8.61
CA LYS A 169 -6.55 26.07 -7.52
C LYS A 169 -5.51 27.12 -7.90
N VAL A 170 -5.88 28.39 -7.77
CA VAL A 170 -5.02 29.50 -8.13
C VAL A 170 -4.68 30.26 -6.85
N ILE A 171 -3.37 30.39 -6.60
CA ILE A 171 -2.88 31.21 -5.50
C ILE A 171 -2.25 32.45 -6.10
N PRO A 172 -2.88 33.64 -5.99
CA PRO A 172 -2.27 34.86 -6.49
C PRO A 172 -0.97 35.17 -5.76
N LEU A 173 0.03 35.62 -6.51
CA LEU A 173 1.32 35.97 -5.92
C LEU A 173 1.38 37.49 -5.77
N ASP A 174 1.37 37.94 -4.52
CA ASP A 174 1.57 39.33 -4.15
C ASP A 174 2.09 39.36 -2.71
N ARG A 175 2.63 40.52 -2.33
CA ARG A 175 3.25 40.66 -1.01
C ARG A 175 2.20 40.64 0.11
N ASP A 176 0.93 40.94 -0.22
CA ASP A 176 -0.11 41.01 0.79
C ASP A 176 -0.77 39.65 1.03
N ASN A 177 -0.64 38.71 0.09
CA ASN A 177 -1.23 37.39 0.23
C ASN A 177 -0.31 36.50 1.07
N LYS A 178 -0.08 36.94 2.32
CA LYS A 178 0.77 36.24 3.25
C LYS A 178 0.16 34.91 3.69
N GLU A 179 -1.17 34.78 3.59
CA GLU A 179 -1.86 33.57 4.03
C GLU A 179 -2.11 32.57 2.90
N LEU A 180 -1.64 32.87 1.68
CA LEU A 180 -1.87 32.02 0.51
C LEU A 180 -3.36 31.76 0.30
N LYS A 181 -4.15 32.84 0.30
CA LYS A 181 -5.59 32.74 0.12
C LYS A 181 -5.90 32.39 -1.34
N ALA A 182 -6.08 31.09 -1.61
CA ALA A 182 -6.30 30.61 -2.96
C ALA A 182 -7.77 30.59 -3.30
N PHE A 183 -8.07 30.44 -4.60
CA PHE A 183 -9.43 30.29 -5.08
C PHE A 183 -9.47 29.19 -6.15
N ASN A 184 -10.59 28.49 -6.25
CA ASN A 184 -10.74 27.38 -7.16
C ASN A 184 -11.50 27.83 -8.41
N ILE A 185 -11.06 27.32 -9.57
CA ILE A 185 -11.80 27.42 -10.81
C ILE A 185 -12.23 26.03 -11.22
N ARG A 186 -13.47 25.93 -11.69
CA ARG A 186 -14.02 24.65 -12.09
C ARG A 186 -13.38 24.24 -13.41
N LEU A 187 -12.79 23.03 -13.40
CA LEU A 187 -12.17 22.47 -14.59
C LEU A 187 -13.13 21.44 -15.18
N GLU A 188 -13.58 21.69 -16.40
CA GLU A 188 -14.51 20.78 -17.05
C GLU A 188 -13.87 19.42 -17.28
N GLU A 189 -12.59 19.41 -17.65
CA GLU A 189 -11.86 18.18 -17.91
C GLU A 189 -11.48 17.54 -16.59
N LEU A 190 -12.16 16.44 -16.24
CA LEU A 190 -11.94 15.81 -14.94
C LEU A 190 -10.66 14.99 -14.96
N HIS A 191 -10.36 14.32 -16.09
CA HIS A 191 -9.23 13.41 -16.19
C HIS A 191 -8.06 14.09 -16.87
N VAL A 192 -7.38 14.95 -16.12
CA VAL A 192 -6.23 15.68 -16.64
C VAL A 192 -4.96 14.90 -16.33
N ILE A 193 -4.10 14.73 -17.33
CA ILE A 193 -2.88 13.95 -17.18
C ILE A 193 -1.72 14.84 -16.74
N ASP A 194 -1.46 15.93 -17.48
CA ASP A 194 -0.35 16.82 -17.12
C ASP A 194 -0.66 18.22 -17.62
N VAL A 195 -0.23 19.22 -16.85
CA VAL A 195 -0.52 20.61 -17.14
C VAL A 195 0.73 21.48 -16.91
N LYS A 196 0.91 22.50 -17.75
CA LYS A 196 1.99 23.46 -17.61
C LYS A 196 1.46 24.85 -17.91
N PHE A 197 2.21 25.88 -17.47
CA PHE A 197 1.98 27.25 -17.91
C PHE A 197 2.87 27.52 -19.12
N LEU A 198 2.27 28.07 -20.18
CA LEU A 198 2.98 28.36 -21.40
C LEU A 198 3.73 29.69 -21.30
N TYR A 199 4.80 29.82 -22.08
CA TYR A 199 5.57 31.03 -22.16
C TYR A 199 5.04 31.94 -23.27
N GLY A 200 5.36 33.23 -23.14
CA GLY A 200 5.03 34.22 -24.15
C GLY A 200 3.53 34.37 -24.40
N CYS A 201 2.76 34.48 -23.33
CA CYS A 201 1.32 34.72 -23.39
C CYS A 201 1.01 36.03 -22.67
N GLN A 202 0.09 36.81 -23.25
CA GLN A 202 -0.28 38.09 -22.66
C GLN A 202 -0.99 37.89 -21.32
N ALA A 203 -1.69 36.75 -21.18
CA ALA A 203 -2.36 36.39 -19.93
C ALA A 203 -1.88 35.02 -19.48
N PRO A 204 -1.92 34.71 -18.17
CA PRO A 204 -1.53 33.39 -17.70
C PRO A 204 -2.30 32.29 -18.38
N THR A 205 -1.58 31.37 -19.04
CA THR A 205 -2.17 30.34 -19.88
C THR A 205 -1.67 28.96 -19.43
N ILE A 206 -2.60 28.02 -19.29
CA ILE A 206 -2.28 26.63 -19.00
C ILE A 206 -2.53 25.80 -20.25
N CYS A 207 -1.65 24.82 -20.48
CA CYS A 207 -1.80 23.82 -21.52
C CYS A 207 -1.70 22.45 -20.85
N PHE A 208 -2.70 21.60 -21.10
CA PHE A 208 -2.78 20.33 -20.40
C PHE A 208 -3.30 19.25 -21.33
N VAL A 209 -2.87 18.01 -21.05
CA VAL A 209 -3.34 16.84 -21.74
C VAL A 209 -4.38 16.15 -20.85
N TYR A 210 -5.51 15.80 -21.45
CA TYR A 210 -6.62 15.20 -20.71
C TYR A 210 -7.18 14.01 -21.50
N GLN A 211 -7.90 13.16 -20.77
CA GLN A 211 -8.51 11.97 -21.34
C GLN A 211 -10.03 12.08 -21.27
N ASP A 212 -10.70 11.76 -22.39
CA ASP A 212 -12.15 11.70 -22.45
C ASP A 212 -12.53 10.44 -23.23
N PRO A 213 -13.84 10.07 -23.34
CA PRO A 213 -14.21 8.91 -24.16
C PRO A 213 -13.77 8.96 -25.62
N GLN A 214 -13.31 10.14 -26.08
CA GLN A 214 -12.83 10.30 -27.43
C GLN A 214 -11.31 10.19 -27.54
N GLY A 215 -10.64 9.78 -26.45
CA GLY A 215 -9.20 9.63 -26.44
C GLY A 215 -8.53 10.72 -25.63
N ARG A 216 -7.23 10.91 -25.90
CA ARG A 216 -6.46 11.94 -25.21
C ARG A 216 -6.25 13.14 -26.11
N HIS A 217 -6.34 14.33 -25.50
CA HIS A 217 -6.28 15.59 -26.22
C HIS A 217 -5.42 16.58 -25.43
N VAL A 218 -5.03 17.67 -26.09
CA VAL A 218 -4.30 18.76 -25.48
C VAL A 218 -5.13 20.03 -25.64
N LYS A 219 -5.23 20.80 -24.56
CA LYS A 219 -6.12 21.96 -24.50
C LYS A 219 -5.41 23.10 -23.77
N THR A 220 -5.84 24.33 -24.08
CA THR A 220 -5.29 25.52 -23.43
C THR A 220 -6.41 26.36 -22.82
N TYR A 221 -6.11 26.99 -21.69
CA TYR A 221 -7.01 27.93 -21.04
C TYR A 221 -6.22 29.18 -20.63
N GLU A 222 -6.89 30.32 -20.56
CA GLU A 222 -6.33 31.51 -19.97
C GLU A 222 -6.96 31.70 -18.60
N VAL A 223 -6.19 32.20 -17.64
CA VAL A 223 -6.70 32.44 -16.30
C VAL A 223 -6.83 33.93 -16.06
N SER A 224 -8.01 34.35 -15.60
CA SER A 224 -8.26 35.73 -15.22
C SER A 224 -8.38 35.79 -13.70
N LEU A 225 -7.42 36.48 -13.07
CA LEU A 225 -7.43 36.67 -11.61
C LEU A 225 -8.56 37.60 -11.18
N ARG A 226 -8.69 38.74 -11.87
CA ARG A 226 -9.73 39.71 -11.53
C ARG A 226 -11.12 39.12 -11.77
N GLU A 227 -11.29 38.37 -12.86
CA GLU A 227 -12.54 37.66 -13.12
C GLU A 227 -12.60 36.32 -12.38
N LYS A 228 -11.46 35.82 -11.90
CA LYS A 228 -11.40 34.55 -11.21
C LYS A 228 -12.00 33.43 -12.05
N GLU A 229 -11.63 33.35 -13.34
CA GLU A 229 -12.26 32.38 -14.21
C GLU A 229 -11.35 31.97 -15.35
N PHE A 230 -11.75 30.92 -16.06
CA PHE A 230 -11.05 30.47 -17.24
C PHE A 230 -11.66 31.10 -18.49
N ASN A 231 -10.79 31.45 -19.44
CA ASN A 231 -11.16 31.91 -20.76
C ASN A 231 -10.53 31.02 -21.81
N LYS A 232 -10.96 31.18 -23.05
CA LYS A 232 -10.49 30.34 -24.15
C LYS A 232 -8.98 30.48 -24.30
N GLY A 233 -8.34 29.35 -24.61
CA GLY A 233 -6.90 29.30 -24.78
C GLY A 233 -6.46 29.88 -26.12
N PRO A 234 -5.17 30.22 -26.25
CA PRO A 234 -4.66 30.80 -27.48
C PRO A 234 -4.85 29.91 -28.71
N TRP A 235 -4.72 28.59 -28.54
CA TRP A 235 -4.89 27.66 -29.63
C TRP A 235 -5.80 26.53 -29.22
N LYS A 236 -6.71 26.17 -30.13
CA LYS A 236 -7.75 25.19 -29.85
C LYS A 236 -7.15 23.82 -29.60
N GLN A 237 -7.99 22.90 -29.14
CA GLN A 237 -7.54 21.58 -28.77
C GLN A 237 -7.16 20.76 -29.99
N GLU A 238 -6.27 19.78 -29.77
CA GLU A 238 -5.81 18.88 -30.80
C GLU A 238 -5.64 17.49 -30.21
N ASN A 239 -6.00 16.47 -30.98
CA ASN A 239 -5.93 15.10 -30.52
C ASN A 239 -4.47 14.64 -30.46
N VAL A 240 -4.12 13.88 -29.42
CA VAL A 240 -2.76 13.44 -29.22
C VAL A 240 -2.71 11.92 -29.07
N GLU A 241 -1.52 11.41 -28.79
CA GLU A 241 -1.30 9.97 -28.69
C GLU A 241 -2.11 9.38 -27.55
N ALA A 242 -2.36 8.06 -27.64
CA ALA A 242 -3.13 7.34 -26.64
C ALA A 242 -2.44 7.38 -25.28
N GLU A 243 -1.11 7.28 -25.26
CA GLU A 243 -0.36 7.28 -24.02
C GLU A 243 0.43 8.58 -23.84
N ALA A 244 -0.03 9.68 -24.45
CA ALA A 244 0.57 10.99 -24.23
C ALA A 244 0.55 11.33 -22.76
N SER A 245 1.73 11.45 -22.15
CA SER A 245 1.84 11.53 -20.70
C SER A 245 2.56 12.78 -20.19
N MET A 246 3.35 13.47 -21.02
CA MET A 246 4.16 14.55 -20.51
C MET A 246 3.96 15.80 -21.37
N VAL A 247 3.83 16.93 -20.70
CA VAL A 247 3.74 18.24 -21.31
C VAL A 247 4.98 19.04 -20.95
N ILE A 248 5.64 19.60 -21.98
CA ILE A 248 6.76 20.51 -21.85
C ILE A 248 6.39 21.81 -22.56
N ALA A 249 6.28 22.91 -21.77
CA ALA A 249 6.10 24.28 -22.25
C ALA A 249 7.44 24.81 -22.78
N VAL A 250 7.51 25.15 -24.07
CA VAL A 250 8.75 25.61 -24.68
C VAL A 250 8.87 27.14 -24.51
N PRO A 251 10.02 27.68 -24.07
CA PRO A 251 10.25 29.12 -24.04
C PRO A 251 10.20 29.79 -25.40
N GLU A 252 10.19 31.12 -25.37
CA GLU A 252 10.52 31.91 -26.54
C GLU A 252 11.98 31.63 -26.92
N PRO A 253 12.36 31.67 -28.23
CA PRO A 253 11.51 32.13 -29.31
C PRO A 253 10.38 31.22 -29.78
N PHE A 254 10.44 29.91 -29.51
CA PHE A 254 9.47 28.97 -30.05
C PHE A 254 8.06 29.21 -29.50
N GLY A 255 7.90 29.21 -28.16
CA GLY A 255 6.58 29.11 -27.55
C GLY A 255 5.95 27.74 -27.82
N GLY A 256 4.66 27.56 -27.50
CA GLY A 256 4.01 26.27 -27.68
C GLY A 256 4.46 25.22 -26.68
N ALA A 257 4.20 23.96 -27.02
CA ALA A 257 4.39 22.84 -26.12
C ALA A 257 4.86 21.57 -26.87
N ILE A 258 5.62 20.68 -26.16
CA ILE A 258 6.07 19.39 -26.68
C ILE A 258 5.39 18.30 -25.86
N ILE A 259 4.50 17.54 -26.51
CA ILE A 259 3.79 16.43 -25.89
C ILE A 259 4.60 15.17 -26.12
N ILE A 260 4.89 14.46 -25.04
CA ILE A 260 5.63 13.20 -25.10
C ILE A 260 4.72 12.07 -24.63
N GLY A 261 4.62 11.04 -25.50
CA GLY A 261 3.82 9.87 -25.18
C GLY A 261 4.67 8.61 -25.15
N GLN A 262 4.18 7.56 -25.83
CA GLN A 262 4.83 6.25 -25.79
C GLN A 262 5.77 6.09 -26.98
N GLU A 263 5.27 6.29 -28.19
CA GLU A 263 6.05 6.03 -29.40
C GLU A 263 6.17 7.25 -30.32
N SER A 264 5.81 8.44 -29.81
CA SER A 264 5.89 9.64 -30.62
C SER A 264 6.19 10.85 -29.73
N ILE A 265 6.73 11.90 -30.36
CA ILE A 265 6.92 13.20 -29.72
C ILE A 265 6.37 14.26 -30.65
N THR A 266 5.51 15.13 -30.12
CA THR A 266 4.86 16.12 -30.95
C THR A 266 5.09 17.52 -30.41
N TYR A 267 4.98 18.51 -31.30
CA TYR A 267 5.06 19.92 -30.95
C TYR A 267 3.83 20.62 -31.49
N HIS A 268 3.15 21.37 -30.62
CA HIS A 268 1.96 22.12 -30.97
C HIS A 268 2.15 23.57 -30.54
N ASN A 269 1.98 24.50 -31.48
CA ASN A 269 2.03 25.92 -31.18
C ASN A 269 0.93 26.63 -31.96
N GLY A 270 -0.24 26.01 -32.00
CA GLY A 270 -1.36 26.58 -32.74
C GLY A 270 -1.43 25.99 -34.14
N ASP A 271 -1.21 26.83 -35.15
CA ASP A 271 -1.18 26.36 -36.52
C ASP A 271 0.05 25.49 -36.80
N LYS A 272 1.06 25.56 -35.92
CA LYS A 272 2.27 24.77 -36.10
C LYS A 272 2.12 23.43 -35.39
N TYR A 273 2.09 22.35 -36.18
CA TYR A 273 2.06 20.99 -35.66
C TYR A 273 3.24 20.22 -36.25
N LEU A 274 4.01 19.55 -35.39
CA LEU A 274 5.21 18.87 -35.83
C LEU A 274 5.40 17.59 -35.02
N ALA A 275 5.11 16.44 -35.65
CA ALA A 275 5.17 15.15 -34.97
C ALA A 275 6.32 14.31 -35.53
N ILE A 276 7.01 13.59 -34.64
CA ILE A 276 7.98 12.59 -35.01
C ILE A 276 7.68 11.29 -34.26
N ALA A 277 8.12 10.17 -34.86
CA ALA A 277 7.96 8.86 -34.27
C ALA A 277 9.25 8.08 -34.39
N PRO A 278 10.29 8.45 -33.62
CA PRO A 278 11.58 7.76 -33.72
C PRO A 278 11.46 6.35 -33.18
N PRO A 279 11.95 5.34 -33.92
CA PRO A 279 11.93 3.97 -33.41
C PRO A 279 12.72 3.76 -32.11
N ILE A 280 13.75 4.57 -31.89
CA ILE A 280 14.63 4.39 -30.75
C ILE A 280 13.87 4.55 -29.43
N ILE A 281 12.81 5.36 -29.43
CA ILE A 281 12.05 5.58 -28.20
C ILE A 281 10.95 4.55 -28.02
N LYS A 282 10.75 3.66 -29.00
CA LYS A 282 9.66 2.68 -28.90
C LYS A 282 9.90 1.68 -27.78
N GLN A 283 11.18 1.44 -27.44
CA GLN A 283 11.54 0.33 -26.56
C GLN A 283 11.18 0.62 -25.10
N SER A 284 11.12 1.89 -24.71
CA SER A 284 10.88 2.22 -23.32
C SER A 284 10.14 3.56 -23.22
N THR A 285 9.39 3.71 -22.14
CA THR A 285 8.61 4.91 -21.91
C THR A 285 9.50 6.02 -21.32
N ILE A 286 9.41 7.21 -21.91
CA ILE A 286 10.11 8.37 -21.40
C ILE A 286 9.34 8.90 -20.20
N VAL A 287 10.05 9.10 -19.08
CA VAL A 287 9.38 9.42 -17.82
C VAL A 287 9.74 10.81 -17.30
N CYS A 288 10.83 11.41 -17.77
CA CYS A 288 11.26 12.69 -17.24
C CYS A 288 11.90 13.51 -18.35
N HIS A 289 11.90 14.83 -18.15
CA HIS A 289 12.47 15.75 -19.11
C HIS A 289 13.11 16.89 -18.34
N ASN A 290 14.01 17.59 -19.03
CA ASN A 290 14.64 18.78 -18.51
C ASN A 290 15.08 19.65 -19.67
N ARG A 291 14.91 20.97 -19.51
CA ARG A 291 15.32 21.91 -20.54
C ARG A 291 16.80 22.26 -20.33
N VAL A 292 17.60 22.12 -21.40
CA VAL A 292 19.02 22.36 -21.34
C VAL A 292 19.29 23.83 -21.67
N ASP A 293 18.98 24.23 -22.90
CA ASP A 293 19.21 25.60 -23.33
C ASP A 293 18.09 26.48 -22.80
N PRO A 294 18.40 27.73 -22.36
CA PRO A 294 17.35 28.65 -21.93
C PRO A 294 16.32 28.98 -23.00
N ASN A 295 16.68 28.82 -24.27
CA ASN A 295 15.77 29.08 -25.37
C ASN A 295 14.99 27.83 -25.80
N GLY A 296 15.24 26.69 -25.15
CA GLY A 296 14.43 25.50 -25.39
C GLY A 296 14.73 24.75 -26.68
N SER A 297 15.95 24.89 -27.21
CA SER A 297 16.34 24.18 -28.40
C SER A 297 16.83 22.75 -28.12
N ARG A 298 17.09 22.42 -26.84
CA ARG A 298 17.62 21.12 -26.49
C ARG A 298 16.99 20.66 -25.17
N TYR A 299 16.63 19.38 -25.11
CA TYR A 299 15.99 18.81 -23.94
C TYR A 299 16.65 17.47 -23.63
N LEU A 300 16.69 17.12 -22.34
CA LEU A 300 17.10 15.79 -21.93
C LEU A 300 15.86 14.94 -21.66
N LEU A 301 15.88 13.68 -22.12
CA LEU A 301 14.78 12.75 -21.89
C LEU A 301 15.33 11.45 -21.33
N GLY A 302 14.88 11.09 -20.11
CA GLY A 302 15.22 9.83 -19.49
C GLY A 302 14.07 8.85 -19.67
N ASP A 303 14.40 7.60 -20.03
CA ASP A 303 13.40 6.56 -20.12
C ASP A 303 13.48 5.59 -18.93
N MET A 304 12.54 4.64 -18.90
CA MET A 304 12.46 3.69 -17.79
C MET A 304 13.63 2.70 -17.82
N GLU A 305 14.21 2.42 -19.00
CA GLU A 305 15.36 1.53 -19.08
C GLU A 305 16.65 2.21 -18.62
N GLY A 306 16.60 3.51 -18.34
CA GLY A 306 17.80 4.25 -17.98
C GLY A 306 18.48 4.94 -19.17
N ARG A 307 17.89 4.86 -20.35
CA ARG A 307 18.48 5.49 -21.52
C ARG A 307 18.23 7.00 -21.51
N LEU A 308 19.30 7.75 -21.77
CA LEU A 308 19.25 9.20 -21.87
C LEU A 308 19.33 9.57 -23.35
N PHE A 309 18.30 10.32 -23.79
CA PHE A 309 18.21 10.87 -25.12
C PHE A 309 18.29 12.39 -25.04
N MET A 310 18.70 13.01 -26.14
CA MET A 310 18.63 14.47 -26.24
C MET A 310 17.70 14.82 -27.39
N LEU A 311 16.58 15.46 -27.04
CA LEU A 311 15.65 16.00 -28.02
C LEU A 311 16.21 17.32 -28.53
N LEU A 312 16.19 17.48 -29.86
CA LEU A 312 16.72 18.67 -30.50
C LEU A 312 15.61 19.30 -31.33
N LEU A 313 15.41 20.61 -31.12
CA LEU A 313 14.45 21.39 -31.88
C LEU A 313 15.24 22.27 -32.86
N GLU A 314 15.06 22.02 -34.14
CA GLU A 314 15.74 22.79 -35.17
C GLU A 314 15.06 24.14 -35.38
N LYS A 315 15.88 25.19 -35.48
CA LYS A 315 15.40 26.56 -35.65
C LYS A 315 15.30 26.90 -37.13
N GLU A 316 14.37 27.81 -37.45
CA GLU A 316 14.28 28.40 -38.77
C GLU A 316 13.94 29.87 -38.62
N GLU A 317 14.92 30.73 -38.90
CA GLU A 317 14.74 32.16 -38.83
C GLU A 317 14.16 32.65 -40.15
N GLN A 318 12.86 32.96 -40.16
CA GLN A 318 12.19 33.40 -41.37
C GLN A 318 12.66 34.80 -41.74
N MET A 319 12.50 35.14 -43.03
CA MET A 319 12.83 36.47 -43.52
C MET A 319 11.88 37.54 -42.96
N ASP A 320 10.75 37.13 -42.39
CA ASP A 320 9.82 38.06 -41.76
C ASP A 320 10.35 38.57 -40.42
N GLY A 321 11.38 37.91 -39.88
CA GLY A 321 11.97 38.30 -38.61
C GLY A 321 11.58 37.40 -37.44
N THR A 322 10.69 36.43 -37.68
CA THR A 322 10.24 35.52 -36.64
C THR A 322 10.94 34.17 -36.76
N VAL A 323 11.07 33.48 -35.62
CA VAL A 323 11.74 32.20 -35.55
C VAL A 323 10.69 31.11 -35.37
N THR A 324 10.76 30.07 -36.20
CA THR A 324 9.82 28.96 -36.15
C THR A 324 10.59 27.65 -35.99
N LEU A 325 9.83 26.58 -35.76
CA LEU A 325 10.40 25.24 -35.60
C LEU A 325 10.33 24.50 -36.92
N LYS A 326 11.45 23.89 -37.32
CA LYS A 326 11.53 23.21 -38.61
C LYS A 326 11.39 21.69 -38.43
N ASP A 327 12.13 21.10 -37.48
CA ASP A 327 12.10 19.66 -37.30
C ASP A 327 12.50 19.31 -35.88
N LEU A 328 12.08 18.12 -35.43
CA LEU A 328 12.46 17.57 -34.15
C LEU A 328 13.39 16.37 -34.37
N ARG A 329 14.44 16.29 -33.55
CA ARG A 329 15.39 15.20 -33.65
C ARG A 329 15.66 14.64 -32.25
N VAL A 330 15.76 13.31 -32.18
CA VAL A 330 16.10 12.63 -30.94
C VAL A 330 17.38 11.82 -31.16
N GLU A 331 18.35 11.99 -30.27
CA GLU A 331 19.62 11.28 -30.36
C GLU A 331 19.87 10.52 -29.06
N LEU A 332 20.22 9.25 -29.18
CA LEU A 332 20.57 8.44 -28.03
C LEU A 332 21.91 8.89 -27.48
N LEU A 333 21.88 9.59 -26.34
CA LEU A 333 23.11 10.01 -25.70
C LEU A 333 23.79 8.83 -25.05
N GLY A 334 23.03 7.96 -24.41
CA GLY A 334 23.67 6.83 -23.75
C GLY A 334 22.81 6.30 -22.62
N GLU A 335 23.48 5.74 -21.61
CA GLU A 335 22.84 5.03 -20.53
C GLU A 335 23.22 5.69 -19.20
N THR A 336 22.20 5.91 -18.37
CA THR A 336 22.39 6.41 -17.02
C THR A 336 21.62 5.50 -16.07
N SER A 337 21.59 5.87 -14.80
CA SER A 337 20.68 5.28 -13.83
C SER A 337 19.24 5.61 -14.20
N ILE A 338 18.31 4.69 -13.86
CA ILE A 338 16.90 4.90 -14.15
C ILE A 338 16.44 6.19 -13.49
N ALA A 339 16.05 7.16 -14.33
CA ALA A 339 15.89 8.54 -13.88
C ALA A 339 14.45 8.81 -13.46
N GLU A 340 14.27 9.20 -12.19
CA GLU A 340 13.03 9.80 -11.73
C GLU A 340 12.94 11.26 -12.22
N CYS A 341 14.05 11.98 -12.12
CA CYS A 341 14.11 13.36 -12.60
C CYS A 341 15.50 13.64 -13.14
N LEU A 342 15.60 14.63 -14.02
CA LEU A 342 16.86 15.05 -14.61
C LEU A 342 16.99 16.56 -14.47
N THR A 343 18.22 17.03 -14.39
CA THR A 343 18.45 18.47 -14.37
C THR A 343 19.86 18.78 -14.88
N TYR A 344 19.94 19.59 -15.94
CA TYR A 344 21.22 20.07 -16.42
C TYR A 344 21.73 21.14 -15.48
N LEU A 345 22.95 20.99 -14.97
CA LEU A 345 23.51 21.94 -14.04
C LEU A 345 24.37 22.97 -14.79
N ASP A 346 25.47 22.53 -15.39
CA ASP A 346 26.40 23.43 -16.04
C ASP A 346 27.50 22.64 -16.75
N ASN A 347 28.00 23.20 -17.87
CA ASN A 347 29.17 22.65 -18.55
C ASN A 347 29.01 21.17 -18.88
N GLY A 348 27.84 20.80 -19.41
CA GLY A 348 27.62 19.44 -19.83
C GLY A 348 27.39 18.45 -18.69
N VAL A 349 27.23 18.95 -17.46
CA VAL A 349 27.01 18.08 -16.31
C VAL A 349 25.50 17.99 -16.03
N VAL A 350 25.02 16.76 -15.85
CA VAL A 350 23.60 16.50 -15.66
C VAL A 350 23.44 15.70 -14.37
N PHE A 351 22.59 16.21 -13.47
CA PHE A 351 22.20 15.45 -12.30
C PHE A 351 21.01 14.56 -12.64
N VAL A 352 21.13 13.29 -12.27
CA VAL A 352 20.10 12.28 -12.52
C VAL A 352 19.61 11.82 -11.15
N GLY A 353 18.41 12.25 -10.79
CA GLY A 353 17.83 11.88 -9.50
C GLY A 353 16.99 10.63 -9.67
N SER A 354 17.39 9.57 -8.97
CA SER A 354 16.77 8.27 -9.10
C SER A 354 16.09 7.89 -7.79
N ARG A 355 14.94 7.21 -7.92
CA ARG A 355 14.31 6.57 -6.78
C ARG A 355 14.45 5.05 -6.83
N LEU A 356 14.59 4.46 -8.05
CA LEU A 356 14.79 3.02 -8.17
C LEU A 356 16.24 2.63 -8.08
N GLY A 357 17.16 3.59 -8.12
CA GLY A 357 18.59 3.31 -8.01
C GLY A 357 19.36 4.49 -7.46
N ASP A 358 20.68 4.41 -7.48
CA ASP A 358 21.51 5.49 -7.04
C ASP A 358 21.40 6.68 -7.99
N SER A 359 21.36 7.89 -7.42
CA SER A 359 21.42 9.09 -8.24
C SER A 359 22.84 9.26 -8.77
N GLN A 360 23.01 10.13 -9.75
CA GLN A 360 24.35 10.31 -10.29
C GLN A 360 24.52 11.64 -11.00
N LEU A 361 25.72 12.20 -10.86
CA LEU A 361 26.19 13.25 -11.74
C LEU A 361 26.87 12.58 -12.93
N VAL A 362 26.44 12.94 -14.14
CA VAL A 362 27.04 12.44 -15.36
C VAL A 362 27.52 13.62 -16.20
N LYS A 363 28.41 13.30 -17.16
CA LYS A 363 28.98 14.30 -18.04
C LYS A 363 28.61 13.96 -19.47
N LEU A 364 28.18 14.98 -20.22
CA LEU A 364 27.90 14.80 -21.64
C LEU A 364 29.11 15.28 -22.44
N ASN A 365 29.57 14.43 -23.36
CA ASN A 365 30.75 14.71 -24.16
C ASN A 365 30.39 14.73 -25.64
N VAL A 366 31.06 15.60 -26.38
CA VAL A 366 30.85 15.69 -27.83
C VAL A 366 31.31 14.40 -28.51
N ASP A 367 32.37 13.78 -27.99
CA ASP A 367 32.91 12.57 -28.57
C ASP A 367 32.53 11.37 -27.71
N SER A 368 32.17 10.27 -28.40
CA SER A 368 31.77 9.05 -27.72
C SER A 368 32.97 8.33 -27.11
N ASN A 369 32.68 7.36 -26.24
CA ASN A 369 33.68 6.59 -25.53
C ASN A 369 34.16 5.39 -26.36
N GLU A 370 33.97 5.40 -27.69
CA GLU A 370 34.30 4.30 -28.57
C GLU A 370 33.29 3.14 -28.42
N GLN A 371 32.40 3.24 -27.43
CA GLN A 371 31.31 2.28 -27.23
C GLN A 371 29.99 2.84 -27.77
N GLY A 372 30.04 4.04 -28.38
CA GLY A 372 28.86 4.70 -28.90
C GLY A 372 28.13 5.55 -27.86
N SER A 373 28.71 5.68 -26.65
CA SER A 373 28.08 6.40 -25.56
C SER A 373 28.74 7.77 -25.38
N TYR A 374 27.92 8.83 -25.38
CA TYR A 374 28.40 10.17 -25.11
C TYR A 374 28.27 10.55 -23.63
N VAL A 375 27.72 9.67 -22.80
CA VAL A 375 27.48 9.96 -21.40
C VAL A 375 28.53 9.25 -20.56
N VAL A 376 29.18 9.99 -19.67
CA VAL A 376 30.17 9.43 -18.76
C VAL A 376 29.77 9.80 -17.35
N ALA A 377 29.68 8.79 -16.48
CA ALA A 377 29.27 9.00 -15.10
C ALA A 377 30.40 9.66 -14.33
N MET A 378 30.05 10.69 -13.55
CA MET A 378 31.02 11.44 -12.80
C MET A 378 30.97 11.08 -11.31
N GLU A 379 29.77 10.91 -10.75
CA GLU A 379 29.63 10.71 -9.32
C GLU A 379 28.34 9.94 -9.05
N THR A 380 28.36 9.13 -7.99
CA THR A 380 27.22 8.32 -7.60
C THR A 380 26.77 8.71 -6.19
N PHE A 381 25.46 8.89 -6.03
CA PHE A 381 24.85 9.21 -4.75
C PHE A 381 23.99 8.03 -4.32
N THR A 382 24.29 7.50 -3.13
CA THR A 382 23.71 6.25 -2.69
C THR A 382 22.22 6.41 -2.43
N ASN A 383 21.43 5.50 -3.01
CA ASN A 383 20.01 5.41 -2.72
C ASN A 383 19.71 3.97 -2.31
N LEU A 384 19.08 3.82 -1.15
CA LEU A 384 18.70 2.49 -0.66
C LEU A 384 17.32 2.05 -1.15
N GLY A 385 16.58 2.93 -1.83
CA GLY A 385 15.22 2.64 -2.22
C GLY A 385 15.12 1.99 -3.60
N PRO A 386 14.09 1.15 -3.79
CA PRO A 386 13.21 0.71 -2.70
C PRO A 386 13.81 -0.42 -1.87
N ILE A 387 13.59 -0.39 -0.55
CA ILE A 387 13.92 -1.50 0.31
C ILE A 387 12.74 -2.45 0.33
N VAL A 388 12.77 -3.48 -0.54
CA VAL A 388 11.65 -4.40 -0.62
C VAL A 388 11.73 -5.48 0.45
N ASP A 389 12.93 -5.78 0.94
CA ASP A 389 13.11 -6.75 2.01
C ASP A 389 14.45 -6.48 2.66
N MET A 390 14.62 -6.98 3.89
CA MET A 390 15.91 -6.85 4.56
C MET A 390 15.98 -7.86 5.69
N CYS A 391 17.18 -8.03 6.25
CA CYS A 391 17.41 -8.94 7.34
C CYS A 391 18.60 -8.44 8.16
N VAL A 392 18.66 -8.88 9.41
CA VAL A 392 19.73 -8.51 10.32
C VAL A 392 20.59 -9.74 10.54
N VAL A 393 21.90 -9.59 10.32
CA VAL A 393 22.84 -10.69 10.42
C VAL A 393 24.04 -10.26 11.25
N ASP A 394 24.83 -11.24 11.68
CA ASP A 394 26.05 -11.00 12.43
C ASP A 394 27.19 -11.67 11.68
N LEU A 395 27.78 -10.93 10.73
CA LEU A 395 28.84 -11.47 9.90
C LEU A 395 30.22 -11.18 10.51
N GLY A 399 28.97 -9.83 17.67
CA GLY A 399 27.87 -9.24 18.45
C GLY A 399 27.45 -7.87 17.90
N GLN A 400 27.79 -7.61 16.63
CA GLN A 400 27.43 -6.36 15.98
C GLN A 400 26.48 -6.67 14.82
N GLY A 401 25.31 -6.03 14.84
CA GLY A 401 24.29 -6.30 13.83
C GLY A 401 24.55 -5.52 12.54
N GLN A 402 24.29 -6.18 11.41
CA GLN A 402 24.36 -5.57 10.10
C GLN A 402 23.05 -5.81 9.35
N LEU A 403 22.60 -4.80 8.61
CA LEU A 403 21.41 -4.90 7.80
C LEU A 403 21.83 -5.28 6.38
N VAL A 404 21.14 -6.27 5.82
CA VAL A 404 21.31 -6.62 4.43
C VAL A 404 19.96 -6.44 3.76
N THR A 405 19.90 -5.52 2.80
CA THR A 405 18.66 -5.14 2.17
C THR A 405 18.67 -5.50 0.69
N CYS A 406 17.49 -5.90 0.20
CA CYS A 406 17.25 -6.00 -1.23
C CYS A 406 16.79 -4.65 -1.74
N SER A 407 17.70 -3.89 -2.36
CA SER A 407 17.43 -2.52 -2.78
C SER A 407 17.27 -2.46 -4.29
N GLY A 408 16.66 -1.36 -4.75
CA GLY A 408 16.61 -1.08 -6.16
C GLY A 408 15.64 -1.99 -6.90
N ALA A 409 15.66 -1.87 -8.23
CA ALA A 409 14.83 -2.69 -9.09
C ALA A 409 15.41 -2.66 -10.49
N PHE A 410 15.08 -3.69 -11.28
CA PHE A 410 15.55 -3.83 -12.65
C PHE A 410 17.07 -3.76 -12.66
N LYS A 411 17.69 -3.04 -13.60
CA LYS A 411 19.15 -3.04 -13.69
C LYS A 411 19.81 -2.40 -12.47
N GLU A 412 19.05 -1.66 -11.66
CA GLU A 412 19.57 -1.01 -10.46
C GLU A 412 19.46 -1.90 -9.23
N GLY A 413 18.82 -3.07 -9.35
CA GLY A 413 18.60 -3.91 -8.19
C GLY A 413 19.92 -4.44 -7.65
N SER A 414 20.03 -4.42 -6.32
CA SER A 414 21.27 -4.78 -5.68
C SER A 414 21.01 -5.23 -4.25
N LEU A 415 22.09 -5.62 -3.58
CA LEU A 415 22.09 -5.88 -2.15
C LEU A 415 22.89 -4.77 -1.47
N ARG A 416 22.39 -4.30 -0.32
CA ARG A 416 23.05 -3.26 0.42
C ARG A 416 23.38 -3.76 1.82
N ILE A 417 24.64 -3.64 2.21
CA ILE A 417 25.11 -4.05 3.53
C ILE A 417 25.37 -2.77 4.33
N ILE A 418 24.53 -2.54 5.34
CA ILE A 418 24.56 -1.33 6.16
C ILE A 418 25.02 -1.71 7.55
N ARG A 419 26.02 -0.98 8.05
CA ARG A 419 26.50 -1.19 9.41
C ARG A 419 26.73 0.16 10.09
N ASN A 420 26.68 0.14 11.41
CA ASN A 420 27.01 1.33 12.18
C ASN A 420 28.50 1.61 12.10
N GLY A 421 28.86 2.89 12.15
CA GLY A 421 30.25 3.33 12.11
C GLY A 421 30.69 4.00 13.40
N LYS A 433 27.97 8.32 9.27
CA LYS A 433 27.78 7.36 10.39
C LYS A 433 27.56 5.96 9.85
N LEU A 434 26.45 5.74 9.14
CA LEU A 434 26.19 4.46 8.53
C LEU A 434 27.17 4.21 7.38
N HIS A 435 27.72 2.99 7.33
N HIS A 435 27.71 2.99 7.33
CA HIS A 435 28.56 2.56 6.23
CA HIS A 435 28.56 2.55 6.23
C HIS A 435 27.78 1.56 5.38
C HIS A 435 27.77 1.56 5.39
N ILE A 436 27.75 1.81 4.07
CA ILE A 436 26.97 1.02 3.14
C ILE A 436 27.89 0.45 2.06
N ARG A 437 27.81 -0.87 1.85
CA ARG A 437 28.45 -1.54 0.73
C ARG A 437 27.37 -1.99 -0.24
N THR A 438 27.63 -1.79 -1.54
CA THR A 438 26.69 -2.11 -2.59
C THR A 438 27.21 -3.33 -3.36
N VAL A 439 26.33 -4.31 -3.54
CA VAL A 439 26.57 -5.46 -4.40
C VAL A 439 25.55 -5.42 -5.51
N PRO A 440 25.90 -4.90 -6.71
CA PRO A 440 24.93 -4.83 -7.78
C PRO A 440 24.58 -6.22 -8.31
N LEU A 441 23.28 -6.40 -8.58
CA LEU A 441 22.77 -7.63 -9.15
C LEU A 441 22.32 -7.46 -10.59
N TYR A 442 22.01 -6.21 -11.00
CA TYR A 442 21.51 -5.92 -12.35
C TYR A 442 20.20 -6.62 -12.64
N GLU A 443 19.48 -6.96 -11.58
CA GLU A 443 18.13 -7.52 -11.67
C GLU A 443 17.45 -7.26 -10.33
N SER A 444 16.14 -7.44 -10.28
CA SER A 444 15.39 -7.04 -9.10
C SER A 444 15.51 -8.10 -8.00
N PRO A 445 16.09 -7.79 -6.83
CA PRO A 445 15.94 -8.67 -5.68
C PRO A 445 14.59 -8.47 -5.00
N ARG A 446 14.07 -9.55 -4.43
CA ARG A 446 12.72 -9.58 -3.90
C ARG A 446 12.67 -10.08 -2.47
N LYS A 447 13.47 -11.08 -2.13
CA LYS A 447 13.50 -11.63 -0.79
C LYS A 447 14.92 -12.04 -0.44
N ILE A 448 15.26 -11.96 0.84
CA ILE A 448 16.58 -12.38 1.31
C ILE A 448 16.44 -13.13 2.63
N CYS A 449 17.19 -14.23 2.76
N CYS A 449 17.20 -14.22 2.75
CA CYS A 449 17.26 -14.95 4.01
CA CYS A 449 17.26 -15.00 3.98
C CYS A 449 18.67 -15.46 4.21
C CYS A 449 18.69 -15.46 4.21
N TYR A 450 19.20 -15.29 5.42
CA TYR A 450 20.52 -15.77 5.76
C TYR A 450 20.49 -17.26 6.20
N GLN A 451 21.46 -18.03 5.68
CA GLN A 451 21.67 -19.41 6.10
C GLN A 451 23.05 -19.51 6.71
N GLU A 452 23.13 -19.40 8.03
CA GLU A 452 24.41 -19.33 8.73
C GLU A 452 25.22 -20.63 8.55
N VAL A 453 24.56 -21.78 8.63
CA VAL A 453 25.25 -23.06 8.54
C VAL A 453 25.95 -23.21 7.19
N SER A 454 25.39 -22.58 6.14
CA SER A 454 25.95 -22.66 4.80
C SER A 454 26.84 -21.45 4.47
N GLN A 455 26.90 -20.45 5.35
CA GLN A 455 27.66 -19.23 5.12
C GLN A 455 27.27 -18.59 3.79
N CYS A 456 25.95 -18.54 3.52
CA CYS A 456 25.46 -18.02 2.25
C CYS A 456 24.12 -17.35 2.47
N PHE A 457 23.78 -16.44 1.54
CA PHE A 457 22.49 -15.79 1.51
C PHE A 457 21.66 -16.40 0.40
N GLY A 458 20.38 -16.60 0.69
CA GLY A 458 19.41 -16.96 -0.34
C GLY A 458 18.63 -15.72 -0.71
N VAL A 459 18.60 -15.43 -2.01
CA VAL A 459 17.98 -14.23 -2.51
C VAL A 459 17.04 -14.61 -3.64
N LEU A 460 15.77 -14.21 -3.52
CA LEU A 460 14.87 -14.31 -4.65
C LEU A 460 15.15 -13.16 -5.60
N SER A 461 15.23 -13.44 -6.90
CA SER A 461 15.49 -12.41 -7.89
C SER A 461 14.56 -12.60 -9.08
N SER A 462 14.32 -11.50 -9.78
CA SER A 462 13.58 -11.52 -11.03
C SER A 462 14.36 -10.71 -12.08
N ARG A 463 14.35 -11.21 -13.31
CA ARG A 463 14.88 -10.47 -14.45
C ARG A 463 13.84 -10.44 -15.56
N ILE A 464 13.97 -9.45 -16.43
CA ILE A 464 13.06 -9.29 -17.56
C ILE A 464 13.73 -9.81 -18.82
N GLU A 465 13.06 -10.73 -19.50
CA GLU A 465 13.54 -11.25 -20.78
C GLU A 465 12.52 -10.96 -21.88
N VAL A 466 13.03 -10.86 -23.11
CA VAL A 466 12.18 -10.59 -24.26
C VAL A 466 12.23 -11.76 -25.25
N THR A 473 13.18 -17.18 -24.55
CA THR A 473 13.30 -15.70 -24.41
C THR A 473 14.78 -15.30 -24.32
N THR A 474 15.03 -14.00 -24.47
CA THR A 474 16.38 -13.45 -24.43
C THR A 474 16.46 -12.36 -23.37
N ALA A 475 17.49 -12.45 -22.52
CA ALA A 475 17.71 -11.45 -21.48
C ALA A 475 18.12 -10.12 -22.11
N LEU A 476 17.66 -9.01 -21.51
CA LEU A 476 18.00 -7.68 -22.00
C LEU A 476 19.45 -7.29 -21.68
N ARG A 477 20.02 -7.85 -20.61
CA ARG A 477 21.40 -7.57 -20.26
C ARG A 477 21.89 -8.71 -19.37
N PRO A 478 23.21 -8.93 -19.27
CA PRO A 478 23.74 -9.86 -18.28
C PRO A 478 23.41 -9.40 -16.86
N SER A 479 23.09 -10.38 -16.01
CA SER A 479 22.70 -10.10 -14.64
C SER A 479 23.21 -11.22 -13.74
N ALA A 480 22.94 -11.09 -12.44
CA ALA A 480 23.42 -12.06 -11.46
C ALA A 480 22.91 -13.46 -11.76
N SER A 481 21.64 -13.59 -12.16
CA SER A 481 21.04 -14.88 -12.41
C SER A 481 21.64 -15.54 -13.67
N THR A 482 22.04 -14.72 -14.65
CA THR A 482 22.61 -15.22 -15.88
C THR A 482 24.13 -15.42 -15.81
N GLN A 483 24.78 -14.91 -14.77
CA GLN A 483 26.22 -15.04 -14.61
C GLN A 483 26.56 -15.73 -13.30
N ALA A 484 25.81 -16.80 -13.00
CA ALA A 484 26.09 -17.60 -11.82
C ALA A 484 27.21 -18.59 -12.11
N LEU A 485 27.93 -18.99 -11.06
CA LEU A 485 28.98 -19.99 -11.20
C LEU A 485 28.38 -21.32 -11.68
N SER A 486 27.33 -21.77 -10.98
CA SER A 486 26.57 -22.94 -11.37
C SER A 486 25.09 -22.58 -11.45
N SER A 487 24.41 -23.10 -12.47
CA SER A 487 23.04 -22.77 -12.73
C SER A 487 22.23 -24.05 -12.99
N SER A 488 20.94 -23.98 -12.68
CA SER A 488 20.01 -25.07 -12.90
C SER A 488 18.64 -24.50 -13.26
N VAL A 489 17.79 -25.35 -13.82
CA VAL A 489 16.44 -25.00 -14.21
C VAL A 489 15.50 -26.01 -13.56
N SER A 490 14.32 -25.53 -13.16
CA SER A 490 13.36 -26.37 -12.49
C SER A 490 12.78 -27.40 -13.46
N SER A 491 12.52 -28.61 -12.94
CA SER A 491 11.84 -29.65 -13.67
C SER A 491 10.57 -30.03 -12.91
N SER A 492 9.43 -29.98 -13.61
CA SER A 492 8.13 -30.25 -13.00
C SER A 492 7.92 -29.36 -11.76
N GLU A 508 6.88 -9.66 -26.32
CA GLU A 508 6.49 -9.16 -24.97
C GLU A 508 7.64 -9.40 -23.98
N GLU A 509 7.46 -8.90 -22.75
CA GLU A 509 8.44 -9.05 -21.69
C GLU A 509 7.92 -10.04 -20.65
N VAL A 510 8.80 -10.96 -20.24
CA VAL A 510 8.46 -11.99 -19.28
C VAL A 510 9.38 -11.86 -18.07
N GLU A 511 8.83 -12.15 -16.90
CA GLU A 511 9.60 -12.19 -15.68
C GLU A 511 10.13 -13.60 -15.48
N VAL A 512 11.44 -13.71 -15.32
CA VAL A 512 12.09 -14.98 -15.02
C VAL A 512 12.60 -14.87 -13.59
N HIS A 513 12.15 -15.82 -12.76
CA HIS A 513 12.46 -15.80 -11.35
C HIS A 513 13.53 -16.82 -11.02
N ASN A 514 14.44 -16.43 -10.15
CA ASN A 514 15.57 -17.26 -9.79
C ASN A 514 15.78 -17.22 -8.28
N LEU A 515 16.29 -18.32 -7.74
CA LEU A 515 16.84 -18.34 -6.41
C LEU A 515 18.35 -18.27 -6.53
N LEU A 516 18.94 -17.22 -5.92
CA LEU A 516 20.38 -17.03 -5.95
C LEU A 516 20.95 -17.46 -4.62
N ILE A 517 21.96 -18.32 -4.68
CA ILE A 517 22.78 -18.63 -3.52
C ILE A 517 24.05 -17.80 -3.67
N ILE A 518 24.26 -16.89 -2.71
CA ILE A 518 25.28 -15.86 -2.79
C ILE A 518 26.23 -16.01 -1.61
N ASP A 519 27.53 -15.97 -1.88
CA ASP A 519 28.52 -16.14 -0.83
C ASP A 519 28.39 -15.02 0.20
N GLN A 520 28.49 -15.37 1.48
CA GLN A 520 28.41 -14.38 2.55
C GLN A 520 29.61 -13.45 2.54
N HIS A 521 30.80 -13.96 2.17
CA HIS A 521 32.03 -13.20 2.25
C HIS A 521 32.25 -12.33 1.01
N THR A 522 32.32 -12.97 -0.17
CA THR A 522 32.60 -12.27 -1.40
C THR A 522 31.35 -11.66 -2.05
N PHE A 523 30.16 -12.04 -1.57
CA PHE A 523 28.89 -11.59 -2.16
C PHE A 523 28.85 -11.88 -3.65
N GLU A 524 29.31 -13.07 -4.02
CA GLU A 524 29.26 -13.55 -5.40
C GLU A 524 28.16 -14.59 -5.53
N VAL A 525 27.49 -14.60 -6.69
CA VAL A 525 26.44 -15.56 -6.95
C VAL A 525 27.07 -16.95 -7.14
N LEU A 526 26.97 -17.78 -6.09
CA LEU A 526 27.50 -19.13 -6.14
C LEU A 526 26.63 -20.00 -7.03
N HIS A 527 25.31 -19.87 -6.90
CA HIS A 527 24.39 -20.70 -7.67
C HIS A 527 23.15 -19.89 -8.03
N ALA A 528 22.50 -20.27 -9.11
CA ALA A 528 21.24 -19.68 -9.51
C ALA A 528 20.32 -20.80 -10.02
N HIS A 529 19.13 -20.89 -9.42
CA HIS A 529 18.12 -21.84 -9.85
C HIS A 529 17.01 -21.07 -10.56
N GLN A 530 16.73 -21.45 -11.80
CA GLN A 530 15.69 -20.81 -12.60
C GLN A 530 14.39 -21.58 -12.41
N PHE A 531 13.36 -20.89 -11.91
CA PHE A 531 12.08 -21.52 -11.67
C PHE A 531 11.32 -21.69 -12.97
N LEU A 532 10.18 -22.37 -12.90
CA LEU A 532 9.43 -22.73 -14.10
C LEU A 532 8.98 -21.48 -14.85
N GLN A 533 8.58 -21.67 -16.11
CA GLN A 533 7.95 -20.60 -16.87
C GLN A 533 6.64 -20.19 -16.19
N ASN A 534 6.41 -18.88 -16.15
CA ASN A 534 5.24 -18.28 -15.55
C ASN A 534 5.18 -18.52 -14.04
N GLU A 535 6.32 -18.83 -13.41
CA GLU A 535 6.37 -19.07 -11.98
C GLU A 535 7.04 -17.89 -11.29
N TYR A 536 6.33 -17.26 -10.36
CA TYR A 536 6.84 -16.16 -9.56
C TYR A 536 7.12 -16.63 -8.14
N ALA A 537 8.33 -16.33 -7.63
CA ALA A 537 8.72 -16.70 -6.28
C ALA A 537 8.42 -15.56 -5.32
N LEU A 538 7.61 -15.84 -4.29
CA LEU A 538 7.10 -14.82 -3.38
C LEU A 538 7.73 -14.91 -1.99
N SER A 539 7.78 -16.10 -1.41
CA SER A 539 8.25 -16.26 -0.04
C SER A 539 9.53 -17.09 -0.04
N LEU A 540 10.34 -16.85 0.98
CA LEU A 540 11.62 -17.53 1.14
C LEU A 540 11.90 -17.63 2.63
N VAL A 541 12.42 -18.79 3.04
CA VAL A 541 12.81 -19.02 4.42
C VAL A 541 13.95 -20.03 4.44
N SER A 542 14.89 -19.82 5.34
CA SER A 542 15.95 -20.77 5.62
C SER A 542 15.77 -21.31 7.03
N CYS A 543 15.52 -22.61 7.15
CA CYS A 543 15.20 -23.18 8.44
C CYS A 543 15.47 -24.68 8.48
N LYS A 544 15.45 -25.25 9.68
CA LYS A 544 15.39 -26.68 9.88
C LYS A 544 13.98 -27.07 10.30
N LEU A 545 13.49 -28.18 9.76
CA LEU A 545 12.10 -28.60 9.97
C LEU A 545 12.10 -29.97 10.62
N GLY A 546 11.24 -30.12 11.65
CA GLY A 546 10.95 -31.44 12.22
C GLY A 546 12.18 -32.07 12.86
N LYS A 547 12.44 -33.35 12.51
CA LYS A 547 13.60 -34.06 13.04
C LYS A 547 14.76 -34.09 12.05
N ASP A 548 14.62 -33.41 10.92
CA ASP A 548 15.63 -33.44 9.88
C ASP A 548 16.73 -32.46 10.25
N PRO A 549 17.99 -32.92 10.39
CA PRO A 549 19.05 -32.01 10.81
C PRO A 549 19.49 -31.01 9.74
N ASN A 550 19.13 -31.25 8.48
CA ASN A 550 19.54 -30.38 7.39
C ASN A 550 18.79 -29.06 7.42
N THR A 551 19.51 -27.98 7.09
CA THR A 551 18.91 -26.67 6.93
C THR A 551 18.55 -26.48 5.46
N TYR A 552 17.31 -26.05 5.21
CA TYR A 552 16.79 -26.00 3.85
C TYR A 552 16.53 -24.57 3.42
N PHE A 553 16.48 -24.38 2.10
CA PHE A 553 15.94 -23.17 1.50
C PHE A 553 14.55 -23.52 1.02
N ILE A 554 13.53 -22.89 1.60
CA ILE A 554 12.14 -23.14 1.23
C ILE A 554 11.61 -21.94 0.46
N VAL A 555 11.07 -22.18 -0.71
CA VAL A 555 10.55 -21.15 -1.58
C VAL A 555 9.08 -21.42 -1.85
N GLY A 556 8.26 -20.38 -1.62
CA GLY A 556 6.88 -20.40 -2.04
C GLY A 556 6.71 -19.66 -3.36
N THR A 557 5.94 -20.23 -4.25
CA THR A 557 5.83 -19.73 -5.62
C THR A 557 4.35 -19.60 -5.99
N ALA A 558 4.13 -19.13 -7.21
CA ALA A 558 2.80 -19.03 -7.78
C ALA A 558 2.91 -19.08 -9.31
N MET A 559 2.18 -19.97 -9.94
CA MET A 559 1.99 -19.93 -11.38
C MET A 559 1.01 -18.80 -11.71
N VAL A 560 1.40 -17.95 -12.66
CA VAL A 560 0.65 -16.77 -13.03
C VAL A 560 0.20 -16.89 -14.47
N TYR A 561 -1.11 -16.72 -14.67
CA TYR A 561 -1.70 -16.69 -16.00
C TYR A 561 -2.70 -15.54 -16.07
N PRO A 562 -2.77 -14.83 -17.21
CA PRO A 562 -3.78 -13.78 -17.38
C PRO A 562 -5.22 -14.29 -17.30
N GLU A 563 -5.43 -15.58 -17.55
CA GLU A 563 -6.77 -16.18 -17.51
C GLU A 563 -7.32 -16.28 -16.09
N GLU A 564 -6.47 -16.12 -15.06
CA GLU A 564 -6.86 -16.39 -13.68
C GLU A 564 -6.84 -15.10 -12.87
N ALA A 565 -7.82 -14.96 -11.97
CA ALA A 565 -7.83 -13.89 -10.99
C ALA A 565 -6.90 -14.24 -9.84
N GLU A 566 -7.26 -15.27 -9.09
CA GLU A 566 -6.35 -15.77 -8.07
C GLU A 566 -5.58 -16.93 -8.65
N PRO A 567 -4.29 -17.09 -8.28
CA PRO A 567 -3.53 -18.23 -8.75
C PRO A 567 -4.17 -19.53 -8.27
N LYS A 568 -4.40 -20.45 -9.20
CA LYS A 568 -4.95 -21.74 -8.87
C LYS A 568 -3.83 -22.76 -8.59
N GLN A 569 -2.58 -22.33 -8.71
CA GLN A 569 -1.46 -23.23 -8.53
C GLN A 569 -0.34 -22.48 -7.82
N GLY A 570 0.60 -23.23 -7.27
CA GLY A 570 1.70 -22.65 -6.54
C GLY A 570 2.52 -23.82 -6.01
N ARG A 571 3.69 -23.56 -5.45
CA ARG A 571 4.53 -24.68 -5.05
C ARG A 571 5.31 -24.29 -3.79
N ILE A 572 5.61 -25.28 -2.96
CA ILE A 572 6.59 -25.09 -1.92
C ILE A 572 7.73 -26.00 -2.33
N VAL A 573 8.87 -25.41 -2.70
CA VAL A 573 10.01 -26.20 -3.15
C VAL A 573 11.10 -26.15 -2.07
N VAL A 574 11.46 -27.31 -1.52
CA VAL A 574 12.51 -27.38 -0.49
C VAL A 574 13.82 -27.78 -1.17
N PHE A 575 14.81 -26.88 -1.12
CA PHE A 575 16.13 -27.11 -1.68
C PHE A 575 17.12 -27.30 -0.55
N GLN A 576 18.23 -28.01 -0.84
CA GLN A 576 19.36 -28.04 0.06
C GLN A 576 20.61 -27.57 -0.68
N TYR A 577 21.28 -26.57 -0.12
CA TYR A 577 22.54 -26.09 -0.68
C TYR A 577 23.67 -26.64 0.19
N SER A 578 24.37 -27.65 -0.33
CA SER A 578 25.43 -28.31 0.40
C SER A 578 26.52 -28.72 -0.57
N ASP A 579 27.78 -28.61 -0.13
CA ASP A 579 28.95 -28.91 -0.96
C ASP A 579 28.97 -28.06 -2.22
N GLY A 580 28.50 -26.81 -2.09
CA GLY A 580 28.45 -25.89 -3.21
C GLY A 580 27.55 -26.38 -4.35
N LYS A 581 26.45 -27.06 -3.99
CA LYS A 581 25.51 -27.56 -4.98
C LYS A 581 24.10 -27.32 -4.46
N LEU A 582 23.16 -27.16 -5.40
CA LEU A 582 21.75 -27.04 -5.06
C LEU A 582 20.98 -28.20 -5.65
N GLN A 583 20.22 -28.88 -4.79
CA GLN A 583 19.35 -29.98 -5.20
C GLN A 583 17.95 -29.72 -4.66
N THR A 584 16.96 -30.07 -5.45
CA THR A 584 15.58 -30.00 -5.03
C THR A 584 15.29 -31.20 -4.12
N VAL A 585 15.02 -30.91 -2.85
CA VAL A 585 14.75 -31.97 -1.89
C VAL A 585 13.30 -32.41 -1.99
N ALA A 586 12.38 -31.44 -2.08
CA ALA A 586 10.96 -31.79 -2.13
C ALA A 586 10.17 -30.72 -2.87
N GLU A 587 9.03 -31.12 -3.41
CA GLU A 587 8.13 -30.22 -4.11
C GLU A 587 6.71 -30.56 -3.71
N LYS A 588 5.99 -29.55 -3.23
CA LYS A 588 4.59 -29.69 -2.84
C LYS A 588 3.77 -28.75 -3.71
N GLU A 589 2.68 -29.27 -4.24
CA GLU A 589 1.79 -28.50 -5.11
C GLU A 589 0.61 -28.00 -4.30
N VAL A 590 0.46 -26.67 -4.25
CA VAL A 590 -0.60 -26.03 -3.53
C VAL A 590 -1.53 -25.36 -4.53
N LYS A 591 -2.67 -24.84 -4.03
CA LYS A 591 -3.68 -24.30 -4.91
C LYS A 591 -3.76 -22.78 -4.80
N GLY A 592 -2.60 -22.12 -4.72
CA GLY A 592 -2.58 -20.67 -4.71
C GLY A 592 -1.19 -20.13 -4.50
N ALA A 593 -1.11 -18.80 -4.40
CA ALA A 593 0.14 -18.08 -4.20
C ALA A 593 0.60 -18.24 -2.77
N VAL A 594 1.86 -18.64 -2.58
CA VAL A 594 2.44 -18.73 -1.25
C VAL A 594 3.05 -17.39 -0.91
N TYR A 595 2.24 -16.54 -0.27
CA TYR A 595 2.63 -15.16 0.01
C TYR A 595 3.72 -15.08 1.06
N SER A 596 3.55 -15.80 2.17
CA SER A 596 4.45 -15.69 3.30
C SER A 596 4.67 -17.08 3.87
N MET A 597 5.85 -17.27 4.46
CA MET A 597 6.23 -18.50 5.11
C MET A 597 7.06 -18.14 6.35
N VAL A 598 6.79 -18.85 7.45
CA VAL A 598 7.54 -18.67 8.68
C VAL A 598 7.81 -20.07 9.24
N GLU A 599 9.02 -20.26 9.75
CA GLU A 599 9.33 -21.45 10.54
C GLU A 599 8.65 -21.30 11.90
N PHE A 600 7.79 -22.27 12.24
CA PHE A 600 6.95 -22.18 13.43
C PHE A 600 7.18 -23.41 14.30
N ASN A 601 8.10 -23.29 15.26
CA ASN A 601 8.37 -24.36 16.22
C ASN A 601 8.67 -25.69 15.52
N GLY A 602 9.57 -25.65 14.54
CA GLY A 602 9.96 -26.85 13.84
C GLY A 602 9.02 -27.24 12.70
N LYS A 603 7.97 -26.44 12.46
CA LYS A 603 6.99 -26.73 11.43
C LYS A 603 6.97 -25.56 10.45
N LEU A 604 6.33 -25.77 9.31
CA LEU A 604 6.31 -24.79 8.25
C LEU A 604 4.94 -24.12 8.22
N LEU A 605 4.91 -22.84 8.62
CA LEU A 605 3.70 -22.03 8.55
C LEU A 605 3.74 -21.22 7.26
N ALA A 606 2.74 -21.43 6.41
CA ALA A 606 2.67 -20.79 5.12
C ALA A 606 1.32 -20.12 4.95
N SER A 607 1.28 -19.10 4.10
CA SER A 607 0.06 -18.46 3.69
C SER A 607 -0.13 -18.69 2.20
N ILE A 608 -1.26 -19.31 1.84
CA ILE A 608 -1.57 -19.65 0.47
C ILE A 608 -2.92 -19.03 0.15
N ASN A 609 -2.90 -17.98 -0.69
CA ASN A 609 -4.08 -17.21 -1.01
C ASN A 609 -4.72 -16.69 0.28
N SER A 610 -5.90 -17.24 0.61
CA SER A 610 -6.66 -16.79 1.77
C SER A 610 -6.53 -17.75 2.96
N THR A 611 -5.67 -18.76 2.86
CA THR A 611 -5.52 -19.76 3.89
C THR A 611 -4.16 -19.65 4.55
N VAL A 612 -4.12 -19.98 5.83
CA VAL A 612 -2.88 -20.13 6.58
C VAL A 612 -2.77 -21.60 6.96
N ARG A 613 -1.74 -22.27 6.46
CA ARG A 613 -1.61 -23.69 6.63
C ARG A 613 -0.31 -24.00 7.37
N LEU A 614 -0.43 -24.88 8.37
CA LEU A 614 0.73 -25.37 9.09
C LEU A 614 1.00 -26.81 8.63
N TYR A 615 2.20 -26.99 8.07
CA TYR A 615 2.70 -28.27 7.59
C TYR A 615 3.74 -28.82 8.57
N GLU A 616 3.82 -30.16 8.61
CA GLU A 616 4.87 -30.85 9.33
C GLU A 616 5.83 -31.52 8.34
N TRP A 617 7.09 -31.65 8.75
CA TRP A 617 8.12 -32.30 7.95
C TRP A 617 8.27 -33.74 8.41
N THR A 618 7.87 -34.68 7.53
CA THR A 618 7.85 -36.09 7.89
C THR A 618 9.24 -36.69 7.75
N THR A 619 9.39 -37.92 8.24
CA THR A 619 10.66 -38.65 8.11
C THR A 619 10.96 -38.99 6.65
N GLU A 620 9.94 -38.98 5.80
CA GLU A 620 10.12 -39.26 4.37
C GLU A 620 10.54 -38.00 3.60
N LYS A 621 10.81 -36.89 4.31
CA LYS A 621 11.24 -35.64 3.71
C LYS A 621 10.19 -35.11 2.75
N GLU A 622 8.95 -35.03 3.24
CA GLU A 622 7.86 -34.43 2.51
C GLU A 622 6.98 -33.67 3.47
N LEU A 623 6.30 -32.63 2.97
CA LEU A 623 5.43 -31.82 3.81
C LEU A 623 4.06 -32.47 3.92
N ARG A 624 3.55 -32.51 5.14
CA ARG A 624 2.21 -33.02 5.41
C ARG A 624 1.42 -31.98 6.18
N THR A 625 0.20 -31.72 5.71
CA THR A 625 -0.63 -30.70 6.32
C THR A 625 -1.02 -31.10 7.73
N GLU A 626 -0.77 -30.21 8.69
CA GLU A 626 -1.23 -30.39 10.05
C GLU A 626 -2.54 -29.63 10.30
N CYS A 627 -2.60 -28.35 9.99
CA CYS A 627 -3.85 -27.63 10.23
C CYS A 627 -4.01 -26.46 9.27
N ASN A 628 -5.25 -25.97 9.16
CA ASN A 628 -5.63 -24.92 8.24
C ASN A 628 -6.46 -23.85 8.94
N HIS A 629 -6.32 -22.61 8.47
CA HIS A 629 -7.14 -21.48 8.88
C HIS A 629 -7.60 -20.76 7.63
N TYR A 630 -8.91 -20.51 7.50
CA TYR A 630 -9.44 -19.98 6.26
C TYR A 630 -9.98 -18.57 6.38
N ASN A 631 -10.02 -18.00 7.59
CA ASN A 631 -10.72 -16.74 7.81
C ASN A 631 -9.82 -15.55 7.46
N ASN A 632 -9.51 -15.44 6.16
CA ASN A 632 -8.75 -14.34 5.62
C ASN A 632 -9.29 -13.98 4.25
N ILE A 633 -8.97 -12.76 3.81
CA ILE A 633 -9.21 -12.35 2.44
C ILE A 633 -7.99 -12.71 1.59
N MET A 634 -6.83 -12.23 2.05
CA MET A 634 -5.59 -12.55 1.37
C MET A 634 -4.47 -12.41 2.39
N ALA A 635 -4.03 -13.55 2.93
CA ALA A 635 -3.03 -13.58 3.98
C ALA A 635 -1.67 -13.27 3.35
N LEU A 636 -1.26 -12.00 3.43
CA LEU A 636 -0.05 -11.57 2.75
C LEU A 636 1.18 -11.74 3.66
N TYR A 637 1.01 -11.43 4.96
CA TYR A 637 2.12 -11.38 5.89
C TYR A 637 1.89 -12.31 7.06
N LEU A 638 2.97 -12.91 7.56
CA LEU A 638 2.93 -13.79 8.71
C LEU A 638 4.12 -13.45 9.61
N LYS A 639 3.84 -13.26 10.90
CA LYS A 639 4.86 -13.22 11.91
C LYS A 639 4.40 -14.09 13.08
N THR A 640 5.38 -14.64 13.80
CA THR A 640 5.10 -15.55 14.89
C THR A 640 5.93 -15.18 16.09
N LYS A 641 5.40 -15.50 17.27
CA LYS A 641 6.15 -15.42 18.50
C LYS A 641 5.58 -16.46 19.45
N GLY A 642 6.41 -17.42 19.86
CA GLY A 642 5.94 -18.54 20.65
C GLY A 642 4.91 -19.35 19.85
N ASP A 643 3.71 -19.49 20.43
CA ASP A 643 2.61 -20.16 19.75
C ASP A 643 1.64 -19.16 19.12
N PHE A 644 2.01 -17.87 19.10
CA PHE A 644 1.18 -16.85 18.51
C PHE A 644 1.60 -16.60 17.07
N ILE A 645 0.62 -16.24 16.24
CA ILE A 645 0.82 -15.94 14.85
C ILE A 645 0.11 -14.65 14.54
N LEU A 646 0.82 -13.70 13.91
CA LEU A 646 0.21 -12.48 13.44
C LEU A 646 0.01 -12.61 11.94
N VAL A 647 -1.26 -12.58 11.52
CA VAL A 647 -1.62 -12.73 10.11
C VAL A 647 -2.00 -11.35 9.59
N GLY A 648 -1.21 -10.86 8.63
CA GLY A 648 -1.49 -9.59 7.99
C GLY A 648 -2.33 -9.81 6.75
N ASP A 649 -3.46 -9.12 6.67
CA ASP A 649 -4.36 -9.30 5.55
C ASP A 649 -4.13 -8.20 4.52
N LEU A 650 -4.67 -8.42 3.32
CA LEU A 650 -4.65 -7.37 2.30
C LEU A 650 -5.38 -6.12 2.78
N MET A 651 -6.57 -6.30 3.39
CA MET A 651 -7.38 -5.17 3.77
C MET A 651 -7.89 -5.29 5.21
N ARG A 652 -7.92 -6.53 5.74
CA ARG A 652 -8.52 -6.78 7.04
C ARG A 652 -7.51 -6.64 8.19
N SER A 653 -6.48 -5.80 8.03
CA SER A 653 -5.61 -5.42 9.12
C SER A 653 -4.90 -6.66 9.66
N VAL A 654 -4.75 -6.79 10.98
CA VAL A 654 -3.97 -7.87 11.57
C VAL A 654 -4.90 -8.78 12.37
N LEU A 655 -4.62 -10.08 12.33
CA LEU A 655 -5.34 -11.08 13.09
C LEU A 655 -4.34 -11.84 13.98
N LEU A 656 -4.74 -12.12 15.21
CA LEU A 656 -3.91 -12.88 16.14
C LEU A 656 -4.47 -14.31 16.22
N LEU A 657 -3.64 -15.29 15.84
CA LEU A 657 -3.97 -16.70 15.98
C LEU A 657 -3.12 -17.31 17.08
N ALA A 658 -3.66 -18.32 17.75
CA ALA A 658 -2.90 -19.13 18.68
C ALA A 658 -2.98 -20.57 18.22
N TYR A 659 -1.84 -21.15 17.86
CA TYR A 659 -1.79 -22.59 17.65
C TYR A 659 -1.99 -23.31 18.99
N LYS A 660 -2.84 -24.33 18.99
CA LYS A 660 -3.11 -25.08 20.19
C LYS A 660 -2.42 -26.44 20.08
N PRO A 661 -1.31 -26.65 20.79
CA PRO A 661 -0.59 -27.92 20.68
C PRO A 661 -1.39 -29.13 21.17
N MET A 662 -2.28 -28.93 22.14
CA MET A 662 -3.06 -30.02 22.69
C MET A 662 -4.22 -30.39 21.76
N GLU A 663 -4.59 -29.50 20.84
CA GLU A 663 -5.68 -29.78 19.90
C GLU A 663 -5.16 -29.93 18.46
N GLY A 664 -3.93 -29.46 18.18
CA GLY A 664 -3.37 -29.56 16.84
C GLY A 664 -4.13 -28.71 15.80
N ASN A 665 -4.57 -27.52 16.20
CA ASN A 665 -5.28 -26.63 15.30
C ASN A 665 -5.05 -25.19 15.71
N PHE A 666 -5.57 -24.26 14.90
CA PHE A 666 -5.47 -22.85 15.21
C PHE A 666 -6.67 -22.39 16.04
N GLU A 667 -6.45 -21.34 16.84
CA GLU A 667 -7.52 -20.66 17.54
C GLU A 667 -7.41 -19.16 17.29
N GLU A 668 -8.49 -18.55 16.81
CA GLU A 668 -8.53 -17.11 16.68
C GLU A 668 -8.63 -16.44 18.05
N ILE A 669 -7.78 -15.45 18.28
CA ILE A 669 -7.79 -14.72 19.53
C ILE A 669 -8.55 -13.41 19.33
N ALA A 670 -8.01 -12.53 18.48
CA ALA A 670 -8.58 -11.21 18.28
C ALA A 670 -8.13 -10.67 16.94
N ARG A 671 -9.02 -9.94 16.27
CA ARG A 671 -8.73 -9.30 15.00
C ARG A 671 -8.96 -7.80 15.13
N ASP A 672 -8.06 -7.01 14.55
CA ASP A 672 -8.30 -5.60 14.37
C ASP A 672 -9.30 -5.40 13.24
N PHE A 673 -10.46 -4.83 13.56
CA PHE A 673 -11.55 -4.74 12.60
C PHE A 673 -11.62 -3.38 11.92
N ASN A 674 -10.64 -2.51 12.15
CA ASN A 674 -10.48 -1.33 11.32
C ASN A 674 -9.81 -1.74 10.01
N PRO A 675 -10.44 -1.53 8.85
CA PRO A 675 -9.80 -1.85 7.58
C PRO A 675 -8.51 -1.06 7.37
N ASN A 676 -7.40 -1.79 7.26
CA ASN A 676 -6.09 -1.20 7.04
C ASN A 676 -5.44 -1.95 5.87
N TRP A 677 -5.00 -1.18 4.85
CA TRP A 677 -4.31 -1.75 3.71
C TRP A 677 -2.87 -2.02 4.10
N MET A 678 -2.63 -3.19 4.69
CA MET A 678 -1.35 -3.51 5.30
C MET A 678 -0.26 -3.62 4.24
N SER A 679 0.93 -3.14 4.60
CA SER A 679 2.14 -3.33 3.83
C SER A 679 3.19 -4.15 4.58
N ALA A 680 3.18 -4.09 5.91
CA ALA A 680 4.10 -4.86 6.72
C ALA A 680 3.54 -4.98 8.14
N VAL A 681 3.79 -6.12 8.77
CA VAL A 681 3.35 -6.37 10.14
C VAL A 681 4.54 -6.82 10.97
N GLU A 682 4.42 -6.62 12.28
CA GLU A 682 5.41 -7.11 13.21
C GLU A 682 4.78 -7.30 14.59
N ILE A 683 5.35 -8.22 15.35
CA ILE A 683 4.96 -8.47 16.73
C ILE A 683 5.99 -7.81 17.62
N LEU A 684 5.56 -6.83 18.44
CA LEU A 684 6.45 -6.17 19.36
C LEU A 684 6.66 -7.04 20.60
N ASP A 685 5.56 -7.48 21.21
CA ASP A 685 5.59 -8.45 22.28
C ASP A 685 4.29 -9.23 22.24
N ASP A 686 4.01 -10.01 23.29
CA ASP A 686 2.81 -10.84 23.31
C ASP A 686 1.54 -10.00 23.19
N ASP A 687 1.59 -8.74 23.64
CA ASP A 687 0.42 -7.88 23.70
C ASP A 687 0.35 -6.90 22.54
N ASN A 688 1.51 -6.40 22.07
CA ASN A 688 1.56 -5.30 21.14
C ASN A 688 1.88 -5.81 19.75
N PHE A 689 1.10 -5.37 18.75
CA PHE A 689 1.29 -5.76 17.37
C PHE A 689 1.42 -4.50 16.53
N LEU A 690 2.57 -4.37 15.85
CA LEU A 690 2.88 -3.17 15.08
C LEU A 690 2.57 -3.43 13.62
N GLY A 691 1.86 -2.50 13.00
CA GLY A 691 1.55 -2.61 11.60
C GLY A 691 1.78 -1.30 10.87
N ALA A 692 2.07 -1.41 9.57
CA ALA A 692 2.22 -0.28 8.68
C ALA A 692 1.26 -0.43 7.52
N GLU A 693 0.66 0.69 7.06
CA GLU A 693 -0.30 0.58 5.98
C GLU A 693 0.15 1.53 4.86
N ASN A 694 -0.56 1.47 3.72
CA ASN A 694 -0.10 2.13 2.51
C ASN A 694 -0.30 3.64 2.49
N ALA A 695 -0.98 4.20 3.50
CA ALA A 695 -1.09 5.65 3.64
C ALA A 695 0.01 6.23 4.54
N PHE A 696 1.12 5.52 4.68
CA PHE A 696 2.30 6.00 5.38
C PHE A 696 2.05 6.17 6.88
N ASN A 697 1.24 5.28 7.46
CA ASN A 697 0.94 5.33 8.88
C ASN A 697 1.35 4.04 9.57
N LEU A 698 1.85 4.19 10.80
CA LEU A 698 2.11 3.12 11.72
C LEU A 698 1.01 3.08 12.77
N PHE A 699 0.61 1.86 13.13
CA PHE A 699 -0.32 1.66 14.24
C PHE A 699 0.15 0.53 15.11
N VAL A 700 -0.27 0.57 16.38
CA VAL A 700 0.00 -0.48 17.34
C VAL A 700 -1.31 -0.91 17.96
N CYS A 701 -1.57 -2.23 17.89
CA CYS A 701 -2.80 -2.87 18.36
C CYS A 701 -2.50 -3.69 19.60
N GLN A 702 -3.46 -3.70 20.53
CA GLN A 702 -3.36 -4.44 21.77
C GLN A 702 -4.60 -5.31 21.96
N LYS A 703 -4.43 -6.39 22.73
CA LYS A 703 -5.57 -7.13 23.23
C LYS A 703 -6.25 -6.30 24.33
N ASP A 704 -7.58 -6.19 24.24
CA ASP A 704 -8.32 -5.36 25.18
C ASP A 704 -8.25 -5.95 26.58
N SER A 705 -7.50 -5.28 27.47
CA SER A 705 -7.34 -5.74 28.84
C SER A 705 -8.61 -5.49 29.66
N ALA A 706 -9.34 -4.42 29.33
CA ALA A 706 -10.57 -4.06 30.03
C ALA A 706 -11.79 -4.73 29.41
N ALA A 707 -11.58 -5.76 28.57
CA ALA A 707 -12.69 -6.45 27.93
C ALA A 707 -13.38 -7.36 28.95
N THR A 708 -14.69 -7.14 29.14
CA THR A 708 -15.48 -7.95 30.04
C THR A 708 -16.37 -8.95 29.30
N THR A 709 -16.79 -8.60 28.08
CA THR A 709 -17.62 -9.49 27.27
C THR A 709 -16.78 -10.16 26.19
N ASP A 710 -17.33 -11.23 25.63
CA ASP A 710 -16.65 -11.97 24.58
C ASP A 710 -16.46 -11.08 23.34
N GLU A 711 -17.48 -10.31 23.00
CA GLU A 711 -17.43 -9.44 21.84
C GLU A 711 -16.26 -8.45 21.95
N GLU A 712 -16.07 -7.88 23.14
CA GLU A 712 -14.93 -6.99 23.37
C GLU A 712 -13.62 -7.76 23.23
N ARG A 713 -13.58 -9.01 23.72
CA ARG A 713 -12.38 -9.82 23.68
C ARG A 713 -12.01 -10.26 22.25
N GLN A 714 -12.95 -10.19 21.31
CA GLN A 714 -12.65 -10.53 19.92
C GLN A 714 -11.99 -9.37 19.16
N HIS A 715 -11.77 -8.23 19.82
CA HIS A 715 -11.29 -7.03 19.16
C HIS A 715 -9.85 -6.73 19.56
N LEU A 716 -9.01 -6.48 18.56
CA LEU A 716 -7.72 -5.85 18.78
C LEU A 716 -7.93 -4.33 18.69
N GLN A 717 -7.52 -3.62 19.75
CA GLN A 717 -7.74 -2.18 19.81
C GLN A 717 -6.49 -1.45 19.33
N GLU A 718 -6.68 -0.52 18.40
CA GLU A 718 -5.61 0.37 17.97
C GLU A 718 -5.31 1.38 19.07
N VAL A 719 -4.25 1.13 19.82
CA VAL A 719 -3.88 1.99 20.93
C VAL A 719 -2.76 2.96 20.56
N GLY A 720 -2.06 2.74 19.44
CA GLY A 720 -1.03 3.68 19.03
C GLY A 720 -1.18 4.06 17.55
N LEU A 721 -1.11 5.37 17.25
CA LEU A 721 -1.19 5.84 15.87
C LEU A 721 -0.08 6.85 15.61
N PHE A 722 0.46 6.84 14.38
CA PHE A 722 1.57 7.71 14.05
C PHE A 722 1.74 7.86 12.55
N HIS A 723 1.73 9.10 12.05
CA HIS A 723 1.98 9.32 10.63
C HIS A 723 3.48 9.33 10.40
N LEU A 724 4.00 8.25 9.80
CA LEU A 724 5.43 8.16 9.52
C LEU A 724 5.81 9.02 8.31
N GLY A 725 4.98 9.06 7.28
CA GLY A 725 5.37 9.67 6.03
C GLY A 725 6.19 8.76 5.11
N GLU A 726 6.37 7.48 5.48
CA GLU A 726 7.14 6.54 4.68
C GLU A 726 6.30 5.27 4.46
N PHE A 727 6.58 4.59 3.34
CA PHE A 727 5.89 3.36 2.98
C PHE A 727 6.75 2.19 3.44
N VAL A 728 6.44 1.65 4.62
CA VAL A 728 7.23 0.59 5.20
C VAL A 728 7.00 -0.71 4.43
N ASN A 729 8.08 -1.32 3.95
CA ASN A 729 8.00 -2.61 3.28
C ASN A 729 8.34 -3.78 4.22
N VAL A 730 9.22 -3.58 5.20
CA VAL A 730 9.69 -4.71 5.96
C VAL A 730 9.96 -4.28 7.40
N PHE A 731 9.58 -5.16 8.33
CA PHE A 731 9.92 -5.07 9.74
C PHE A 731 10.82 -6.24 10.09
N CYS A 732 11.82 -5.99 10.96
N CYS A 732 11.83 -5.98 10.94
CA CYS A 732 12.70 -7.05 11.43
CA CYS A 732 12.73 -7.01 11.43
C CYS A 732 13.15 -6.72 12.85
C CYS A 732 13.09 -6.72 12.88
N HIS A 733 13.33 -7.76 13.66
CA HIS A 733 13.83 -7.60 15.01
C HIS A 733 15.36 -7.59 14.95
N GLY A 734 15.93 -6.49 15.46
CA GLY A 734 17.37 -6.35 15.43
C GLY A 734 17.77 -4.90 15.60
N SER A 735 19.03 -4.71 15.97
CA SER A 735 19.59 -3.39 16.19
C SER A 735 20.92 -3.30 15.45
N LEU A 736 21.26 -2.08 15.03
CA LEU A 736 22.52 -1.82 14.35
C LEU A 736 23.63 -1.46 15.33
N VAL A 737 23.31 -1.32 16.63
CA VAL A 737 24.28 -0.94 17.64
C VAL A 737 24.73 -2.19 18.38
N MET A 738 25.87 -2.08 19.06
CA MET A 738 26.47 -3.21 19.76
C MET A 738 25.58 -3.61 20.93
N GLN A 739 25.46 -4.93 21.15
CA GLN A 739 24.62 -5.47 22.22
C GLN A 739 25.25 -5.20 23.59
N THR A 746 18.82 1.41 29.77
CA THR A 746 18.28 2.08 28.57
C THR A 746 16.84 2.47 28.82
N PRO A 747 16.46 3.72 28.48
CA PRO A 747 15.08 4.16 28.66
C PRO A 747 14.06 3.38 27.83
N THR A 748 14.52 2.70 26.77
CA THR A 748 13.62 1.97 25.88
C THR A 748 13.98 0.49 25.89
N GLN A 749 12.95 -0.34 25.66
CA GLN A 749 13.12 -1.79 25.58
C GLN A 749 12.64 -2.27 24.23
N GLY A 750 13.36 -3.26 23.68
CA GLY A 750 13.07 -3.79 22.36
C GLY A 750 13.69 -2.92 21.26
N SER A 751 13.68 -3.47 20.06
CA SER A 751 14.28 -2.80 18.91
C SER A 751 13.75 -3.44 17.64
N VAL A 752 13.00 -2.67 16.85
CA VAL A 752 12.48 -3.17 15.58
C VAL A 752 12.92 -2.22 14.47
N LEU A 753 13.66 -2.73 13.50
CA LEU A 753 14.03 -1.95 12.33
C LEU A 753 12.94 -2.09 11.27
N PHE A 754 12.72 -1.01 10.52
CA PHE A 754 11.83 -1.05 9.39
C PHE A 754 12.48 -0.37 8.18
N GLY A 755 12.26 -0.99 7.04
CA GLY A 755 12.76 -0.47 5.79
C GLY A 755 11.62 -0.14 4.83
N THR A 756 11.78 0.98 4.13
CA THR A 756 10.71 1.64 3.41
C THR A 756 11.06 1.81 1.94
N VAL A 757 10.06 2.28 1.17
CA VAL A 757 10.19 2.44 -0.25
C VAL A 757 11.22 3.51 -0.62
N ASN A 758 11.29 4.59 0.15
CA ASN A 758 12.17 5.70 -0.16
C ASN A 758 13.59 5.47 0.33
N GLY A 759 13.91 4.27 0.79
CA GLY A 759 15.22 3.97 1.33
C GLY A 759 15.43 4.43 2.77
N MET A 760 14.43 5.04 3.38
CA MET A 760 14.51 5.42 4.78
C MET A 760 14.45 4.18 5.66
N ILE A 761 15.30 4.16 6.69
CA ILE A 761 15.35 3.09 7.67
C ILE A 761 15.05 3.69 9.04
N GLY A 762 14.15 3.03 9.77
CA GLY A 762 13.73 3.52 11.05
C GLY A 762 13.80 2.46 12.14
N LEU A 763 13.67 2.92 13.38
CA LEU A 763 13.69 2.05 14.54
C LEU A 763 12.52 2.38 15.46
N VAL A 764 11.84 1.33 15.90
CA VAL A 764 10.74 1.43 16.86
C VAL A 764 11.15 0.71 18.13
N THR A 765 10.99 1.40 19.26
CA THR A 765 11.27 0.82 20.57
C THR A 765 10.06 1.07 21.47
N SER A 766 10.10 0.49 22.67
CA SER A 766 9.01 0.62 23.62
C SER A 766 9.48 1.39 24.84
N LEU A 767 8.60 2.24 25.38
CA LEU A 767 8.88 2.99 26.60
C LEU A 767 7.77 2.72 27.62
N SER A 768 8.06 3.06 28.87
CA SER A 768 7.13 2.89 29.96
C SER A 768 6.17 4.07 30.01
N GLU A 769 5.35 4.12 31.06
CA GLU A 769 4.38 5.21 31.20
C GLU A 769 5.09 6.54 31.52
N SER A 770 6.00 6.52 32.50
CA SER A 770 6.67 7.73 32.92
C SER A 770 7.55 8.32 31.80
N TRP A 771 8.29 7.45 31.12
CA TRP A 771 9.18 7.89 30.05
C TRP A 771 8.36 8.50 28.90
N TYR A 772 7.27 7.83 28.53
CA TYR A 772 6.42 8.31 27.48
C TYR A 772 5.83 9.67 27.86
N ASN A 773 5.35 9.80 29.10
CA ASN A 773 4.75 11.05 29.55
C ASN A 773 5.76 12.19 29.50
N LEU A 774 6.98 11.93 29.98
CA LEU A 774 8.01 12.95 29.99
C LEU A 774 8.36 13.38 28.56
N LEU A 775 8.52 12.42 27.65
CA LEU A 775 8.90 12.75 26.29
C LEU A 775 7.73 13.41 25.54
N LEU A 776 6.48 13.09 25.88
CA LEU A 776 5.36 13.78 25.26
C LEU A 776 5.27 15.23 25.74
N ASP A 777 5.51 15.45 27.03
CA ASP A 777 5.58 16.81 27.53
C ASP A 777 6.71 17.59 26.84
N MET A 778 7.88 16.96 26.68
CA MET A 778 8.97 17.58 25.97
C MET A 778 8.60 17.85 24.51
N GLN A 779 7.82 16.97 23.89
CA GLN A 779 7.36 17.21 22.54
C GLN A 779 6.55 18.48 22.49
N ASN A 780 5.64 18.65 23.45
CA ASN A 780 4.82 19.85 23.49
C ASN A 780 5.68 21.11 23.67
N ARG A 781 6.63 21.06 24.59
CA ARG A 781 7.49 22.20 24.83
C ARG A 781 8.37 22.55 23.62
N LEU A 782 8.92 21.52 22.96
CA LEU A 782 9.74 21.73 21.77
C LEU A 782 8.89 22.28 20.62
N ASN A 783 7.68 21.77 20.46
CA ASN A 783 6.78 22.29 19.46
C ASN A 783 6.48 23.76 19.71
N LYS A 784 6.34 24.15 20.97
CA LYS A 784 6.19 25.56 21.31
C LYS A 784 7.45 26.35 20.91
N VAL A 785 8.62 25.77 21.17
CA VAL A 785 9.86 26.52 21.01
C VAL A 785 10.39 26.43 19.56
N ILE A 786 10.53 25.22 19.03
CA ILE A 786 11.18 25.01 17.76
C ILE A 786 10.35 25.60 16.62
N LYS A 787 11.05 26.28 15.69
CA LYS A 787 10.44 26.88 14.52
C LYS A 787 10.43 25.88 13.37
N SER A 788 9.28 25.73 12.72
CA SER A 788 9.10 24.78 11.63
C SER A 788 9.23 25.48 10.28
N VAL A 789 9.91 24.83 9.34
CA VAL A 789 10.02 25.34 7.99
C VAL A 789 8.68 25.16 7.26
N GLY A 790 8.13 26.27 6.77
CA GLY A 790 6.79 26.29 6.24
C GLY A 790 5.70 26.52 7.29
N LYS A 791 6.10 26.66 8.57
CA LYS A 791 5.17 26.91 9.66
C LYS A 791 4.08 25.83 9.73
N ILE A 792 4.51 24.58 9.60
CA ILE A 792 3.61 23.44 9.74
C ILE A 792 3.69 22.93 11.18
N GLU A 793 2.53 22.70 11.78
CA GLU A 793 2.46 22.19 13.14
C GLU A 793 2.87 20.73 13.17
N HIS A 794 3.70 20.37 14.15
CA HIS A 794 4.19 19.01 14.29
C HIS A 794 3.05 18.04 14.61
N SER A 795 2.09 18.49 15.42
CA SER A 795 0.91 17.69 15.72
C SER A 795 0.10 17.37 14.46
N PHE A 796 -0.05 18.35 13.57
CA PHE A 796 -0.78 18.14 12.33
C PHE A 796 -0.03 17.14 11.44
N TRP A 797 1.30 17.23 11.41
CA TRP A 797 2.09 16.42 10.51
C TRP A 797 2.11 14.96 10.95
N ARG A 798 2.24 14.73 12.26
CA ARG A 798 2.31 13.36 12.78
C ARG A 798 0.94 12.73 12.95
N SER A 799 -0.15 13.47 12.65
CA SER A 799 -1.49 12.97 12.81
C SER A 799 -1.75 11.83 11.86
N PHE A 800 -2.32 10.72 12.37
CA PHE A 800 -2.74 9.62 11.54
C PHE A 800 -3.69 10.15 10.48
N HIS A 801 -3.46 9.75 9.22
CA HIS A 801 -4.19 10.32 8.11
C HIS A 801 -4.38 9.30 6.99
N THR A 802 -5.64 9.05 6.63
CA THR A 802 -6.01 8.39 5.39
C THR A 802 -7.03 9.26 4.69
N GLU A 803 -7.55 8.79 3.55
CA GLU A 803 -8.59 9.53 2.84
C GLU A 803 -9.93 9.38 3.56
N ARG A 804 -9.98 8.49 4.55
CA ARG A 804 -11.21 8.23 5.30
C ARG A 804 -11.18 8.84 6.70
N LYS A 805 -10.03 8.82 7.37
CA LYS A 805 -9.97 9.06 8.79
C LYS A 805 -8.74 9.88 9.14
N THR A 806 -8.89 10.81 10.10
CA THR A 806 -7.77 11.60 10.58
C THR A 806 -7.92 11.80 12.09
N GLU A 807 -6.89 11.40 12.85
CA GLU A 807 -6.82 11.62 14.28
C GLU A 807 -5.41 12.02 14.67
N PRO A 808 -5.25 12.72 15.81
CA PRO A 808 -3.92 13.01 16.32
C PRO A 808 -3.14 11.72 16.60
N ALA A 809 -1.82 11.83 16.53
CA ALA A 809 -0.95 10.73 16.93
C ALA A 809 -1.16 10.39 18.40
N THR A 810 -1.17 9.09 18.70
CA THR A 810 -1.31 8.58 20.06
C THR A 810 -0.26 7.50 20.30
N GLY A 811 0.25 7.47 21.52
CA GLY A 811 1.13 6.39 21.97
C GLY A 811 2.44 6.30 21.18
N PHE A 812 2.81 7.38 20.48
CA PHE A 812 4.04 7.40 19.68
C PHE A 812 4.79 8.68 19.96
N ILE A 813 6.07 8.56 20.30
CA ILE A 813 6.95 9.71 20.48
C ILE A 813 7.80 9.87 19.23
N ASP A 814 7.73 11.05 18.62
CA ASP A 814 8.55 11.35 17.46
C ASP A 814 9.99 11.50 17.92
N GLY A 815 10.80 10.45 17.70
CA GLY A 815 12.16 10.46 18.19
C GLY A 815 13.00 11.54 17.53
N ASP A 816 12.69 11.88 16.26
CA ASP A 816 13.44 12.92 15.57
C ASP A 816 13.28 14.27 16.27
N LEU A 817 12.03 14.59 16.65
CA LEU A 817 11.76 15.82 17.39
C LEU A 817 12.53 15.88 18.69
N ILE A 818 12.50 14.79 19.46
CA ILE A 818 13.19 14.75 20.75
C ILE A 818 14.70 14.89 20.54
N GLU A 819 15.23 14.19 19.53
CA GLU A 819 16.65 14.24 19.25
C GLU A 819 17.09 15.64 18.83
N SER A 820 16.20 16.38 18.16
CA SER A 820 16.50 17.75 17.74
C SER A 820 16.71 18.69 18.93
N PHE A 821 16.31 18.27 20.14
CA PHE A 821 16.48 19.10 21.32
C PHE A 821 17.96 19.35 21.63
N LEU A 822 18.82 18.36 21.33
CA LEU A 822 20.24 18.49 21.66
C LEU A 822 20.93 19.57 20.83
N ASP A 823 20.35 19.96 19.70
CA ASP A 823 21.01 20.89 18.78
C ASP A 823 20.52 22.33 18.94
N ILE A 824 19.49 22.57 19.75
CA ILE A 824 19.04 23.93 19.97
C ILE A 824 19.98 24.64 20.94
N SER A 825 19.90 25.97 20.94
CA SER A 825 20.76 26.79 21.78
C SER A 825 20.44 26.52 23.25
N ARG A 826 21.46 26.69 24.10
CA ARG A 826 21.31 26.45 25.53
C ARG A 826 20.23 27.36 26.14
N PRO A 827 20.10 28.65 25.77
CA PRO A 827 18.94 29.41 26.22
C PRO A 827 17.60 28.76 25.86
N LYS A 828 17.50 28.20 24.66
CA LYS A 828 16.29 27.48 24.27
C LYS A 828 16.13 26.20 25.09
N MET A 829 17.25 25.54 25.42
CA MET A 829 17.19 24.37 26.29
C MET A 829 16.61 24.76 27.66
N GLN A 830 17.08 25.87 28.22
CA GLN A 830 16.62 26.33 29.51
C GLN A 830 15.15 26.71 29.46
N GLU A 831 14.72 27.36 28.36
CA GLU A 831 13.32 27.70 28.19
C GLU A 831 12.46 26.44 28.12
N VAL A 832 12.97 25.40 27.44
CA VAL A 832 12.23 24.15 27.30
C VAL A 832 12.09 23.46 28.65
N VAL A 833 13.20 23.32 29.39
CA VAL A 833 13.17 22.55 30.63
C VAL A 833 12.79 23.41 31.84
N ALA A 834 12.38 24.67 31.61
CA ALA A 834 11.98 25.54 32.71
C ALA A 834 10.72 25.00 33.39
N ASN A 835 10.78 24.88 34.72
CA ASN A 835 9.65 24.44 35.53
C ASN A 835 9.11 23.09 35.08
N LEU A 836 10.00 22.18 34.68
CA LEU A 836 9.59 20.87 34.18
C LEU A 836 9.11 19.98 35.35
N ALA A 848 13.81 20.97 36.92
CA ALA A 848 14.66 19.99 36.19
C ALA A 848 15.71 20.73 35.38
N THR A 849 16.98 20.50 35.73
CA THR A 849 18.09 21.14 35.03
C THR A 849 18.23 20.55 33.63
N ALA A 850 18.94 21.29 32.77
CA ALA A 850 19.11 20.89 31.38
C ALA A 850 20.03 19.68 31.24
N ASP A 851 20.98 19.52 32.17
CA ASP A 851 21.98 18.47 32.04
C ASP A 851 21.35 17.08 32.12
N ASP A 852 20.39 16.90 33.03
CA ASP A 852 19.74 15.61 33.18
C ASP A 852 18.99 15.22 31.92
N LEU A 853 18.29 16.18 31.32
CA LEU A 853 17.53 15.91 30.11
C LEU A 853 18.45 15.74 28.90
N ILE A 854 19.61 16.41 28.89
CA ILE A 854 20.61 16.16 27.87
C ILE A 854 21.11 14.72 27.97
N LYS A 855 21.35 14.25 29.19
CA LYS A 855 21.72 12.85 29.40
C LYS A 855 20.62 11.91 28.91
N VAL A 856 19.36 12.27 29.19
CA VAL A 856 18.22 11.49 28.74
C VAL A 856 18.23 11.36 27.21
N VAL A 857 18.37 12.50 26.53
CA VAL A 857 18.31 12.49 25.07
C VAL A 857 19.52 11.77 24.48
N GLU A 858 20.68 11.88 25.13
CA GLU A 858 21.86 11.14 24.66
C GLU A 858 21.64 9.63 24.78
N GLU A 859 21.05 9.19 25.90
CA GLU A 859 20.71 7.79 26.06
C GLU A 859 19.74 7.35 24.98
N LEU A 860 18.78 8.21 24.63
CA LEU A 860 17.84 7.90 23.55
C LEU A 860 18.58 7.80 22.21
N THR A 861 19.58 8.66 21.99
CA THR A 861 20.35 8.63 20.76
C THR A 861 21.17 7.35 20.61
N ARG A 862 21.70 6.84 21.72
CA ARG A 862 22.61 5.70 21.65
C ARG A 862 21.89 4.39 21.32
N ILE A 863 20.55 4.40 21.24
CA ILE A 863 19.83 3.19 20.87
C ILE A 863 19.97 2.98 19.36
N SER B 51 -23.43 -30.25 -1.28
CA SER B 51 -22.56 -30.51 -0.10
C SER B 51 -23.26 -30.02 1.16
N PRO B 52 -23.01 -30.65 2.32
CA PRO B 52 -23.59 -30.17 3.57
C PRO B 52 -23.29 -28.72 3.90
N LEU B 53 -22.07 -28.26 3.59
CA LEU B 53 -21.69 -26.87 3.82
C LEU B 53 -22.55 -25.95 2.95
N GLU B 54 -22.78 -26.33 1.70
CA GLU B 54 -23.62 -25.54 0.81
C GLU B 54 -25.05 -25.49 1.33
N SER B 55 -25.57 -26.61 1.84
CA SER B 55 -26.91 -26.65 2.39
C SER B 55 -27.02 -25.73 3.61
N LEU B 56 -26.03 -25.77 4.49
CA LEU B 56 -26.05 -24.91 5.66
C LEU B 56 -25.97 -23.43 5.24
N ALA B 57 -25.15 -23.12 4.24
CA ALA B 57 -25.07 -21.76 3.73
C ALA B 57 -26.40 -21.30 3.16
N TRP B 58 -27.06 -22.17 2.40
N TRP B 58 -27.07 -22.16 2.40
CA TRP B 58 -28.38 -21.87 1.85
CA TRP B 58 -28.38 -21.84 1.85
C TRP B 58 -29.38 -21.59 2.96
C TRP B 58 -29.39 -21.58 2.96
N GLN B 59 -29.36 -22.42 4.01
CA GLN B 59 -30.27 -22.24 5.14
C GLN B 59 -30.03 -20.89 5.80
N VAL B 60 -28.75 -20.56 6.04
CA VAL B 60 -28.39 -19.31 6.69
C VAL B 60 -28.85 -18.13 5.85
N LYS B 61 -28.65 -18.20 4.52
CA LYS B 61 -29.04 -17.10 3.65
C LYS B 61 -30.57 -16.91 3.65
N CYS B 62 -31.30 -18.03 3.63
CA CYS B 62 -32.76 -17.98 3.51
C CYS B 62 -33.45 -17.45 4.78
N LEU B 63 -32.76 -17.37 5.93
CA LEU B 63 -33.34 -16.82 7.15
C LEU B 63 -32.89 -15.38 7.35
N LEU B 64 -31.66 -15.07 6.93
CA LEU B 64 -31.12 -13.73 7.03
C LEU B 64 -31.78 -12.87 5.97
N LYS B 65 -32.44 -13.47 4.98
CA LYS B 65 -33.14 -12.60 4.04
C LYS B 65 -34.34 -11.89 4.70
N TYR B 66 -34.75 -12.32 5.89
CA TYR B 66 -35.83 -11.66 6.61
C TYR B 66 -35.35 -10.66 7.66
N SER B 67 -34.06 -10.64 7.98
CA SER B 67 -33.55 -9.83 9.07
C SER B 67 -33.43 -8.38 8.62
N THR B 68 -34.10 -7.48 9.34
CA THR B 68 -33.98 -6.05 9.09
C THR B 68 -32.73 -5.44 9.73
N THR B 69 -32.17 -6.11 10.74
CA THR B 69 -30.97 -5.63 11.41
C THR B 69 -29.69 -6.16 10.75
N TRP B 70 -29.82 -7.09 9.78
CA TRP B 70 -28.64 -7.64 9.13
C TRP B 70 -28.07 -6.65 8.14
N LYS B 71 -26.72 -6.57 8.11
CA LYS B 71 -26.02 -5.65 7.23
C LYS B 71 -25.09 -6.46 6.34
N PRO B 72 -25.56 -6.91 5.17
CA PRO B 72 -24.70 -7.69 4.27
C PRO B 72 -23.63 -6.81 3.63
N LEU B 73 -22.56 -7.44 3.17
CA LEU B 73 -21.55 -6.74 2.40
C LEU B 73 -22.17 -6.23 1.12
N ASN B 74 -21.69 -5.05 0.69
CA ASN B 74 -22.22 -4.40 -0.50
C ASN B 74 -22.09 -5.36 -1.66
N PRO B 75 -23.18 -5.61 -2.42
CA PRO B 75 -23.09 -6.49 -3.59
C PRO B 75 -22.18 -5.96 -4.70
N ASN B 76 -21.88 -4.65 -4.66
CA ASN B 76 -20.95 -4.06 -5.62
C ASN B 76 -19.55 -3.89 -5.02
N SER B 77 -19.22 -4.71 -4.01
CA SER B 77 -17.91 -4.62 -3.38
C SER B 77 -16.83 -5.06 -4.36
N TRP B 78 -15.64 -4.48 -4.20
CA TRP B 78 -14.50 -4.85 -5.01
C TRP B 78 -14.11 -6.30 -4.77
N LEU B 79 -14.44 -6.86 -3.61
CA LEU B 79 -14.12 -8.25 -3.32
C LEU B 79 -14.79 -9.21 -4.28
N TYR B 80 -16.05 -8.95 -4.64
CA TYR B 80 -16.69 -9.72 -5.68
C TYR B 80 -16.03 -9.48 -7.04
N HIS B 81 -15.68 -8.22 -7.31
CA HIS B 81 -15.07 -7.86 -8.58
C HIS B 81 -13.67 -8.45 -8.69
N ALA B 82 -12.91 -8.43 -7.57
CA ALA B 82 -11.58 -9.02 -7.57
C ALA B 82 -11.60 -10.54 -7.50
N LYS B 83 -12.78 -11.16 -7.46
CA LYS B 83 -12.94 -12.61 -7.39
C LYS B 83 -12.35 -13.19 -6.11
N LEU B 84 -12.23 -12.38 -5.07
CA LEU B 84 -11.80 -12.85 -3.76
C LEU B 84 -12.96 -13.43 -2.96
N LEU B 85 -14.20 -13.14 -3.37
CA LEU B 85 -15.39 -13.81 -2.86
C LEU B 85 -16.19 -14.31 -4.06
N ASP B 86 -16.74 -15.50 -3.95
CA ASP B 86 -17.48 -16.09 -5.05
C ASP B 86 -18.97 -16.13 -4.70
N PRO B 87 -19.80 -15.22 -5.24
CA PRO B 87 -21.23 -15.21 -4.96
C PRO B 87 -22.05 -16.25 -5.72
N SER B 88 -21.43 -17.00 -6.64
CA SER B 88 -22.14 -18.05 -7.35
C SER B 88 -22.63 -19.13 -6.39
N THR B 89 -21.74 -19.52 -5.47
CA THR B 89 -22.02 -20.52 -4.45
C THR B 89 -22.40 -19.83 -3.15
N PRO B 90 -23.47 -20.28 -2.47
CA PRO B 90 -23.93 -19.60 -1.27
C PRO B 90 -22.90 -19.53 -0.13
N VAL B 91 -21.95 -20.45 -0.09
CA VAL B 91 -20.94 -20.49 0.97
C VAL B 91 -20.26 -19.15 1.19
N HIS B 92 -20.27 -18.25 0.20
CA HIS B 92 -19.66 -16.95 0.36
C HIS B 92 -20.21 -16.19 1.56
N ILE B 93 -21.51 -16.33 1.84
CA ILE B 93 -22.08 -15.65 2.99
C ILE B 93 -21.35 -16.05 4.26
N LEU B 94 -21.14 -17.36 4.43
CA LEU B 94 -20.42 -17.84 5.62
C LEU B 94 -19.05 -17.18 5.70
N ARG B 95 -18.34 -17.12 4.55
CA ARG B 95 -17.04 -16.47 4.51
C ARG B 95 -17.19 -15.03 5.00
N GLU B 96 -18.19 -14.32 4.48
CA GLU B 96 -18.40 -12.93 4.84
C GLU B 96 -18.76 -12.82 6.31
N ILE B 97 -19.45 -13.82 6.87
CA ILE B 97 -19.72 -13.79 8.30
C ILE B 97 -18.41 -13.95 9.06
N GLY B 98 -17.53 -14.84 8.57
CA GLY B 98 -16.29 -15.10 9.28
C GLY B 98 -15.40 -13.87 9.37
N LEU B 99 -15.40 -13.06 8.31
CA LEU B 99 -14.53 -11.89 8.23
C LEU B 99 -15.17 -10.62 8.79
N ARG B 100 -16.38 -10.71 9.33
CA ARG B 100 -17.20 -9.56 9.71
C ARG B 100 -17.34 -8.58 8.55
N LEU B 101 -17.55 -9.13 7.35
CA LEU B 101 -17.92 -8.34 6.19
C LEU B 101 -19.43 -8.21 6.10
N SER B 102 -20.17 -9.23 6.59
CA SER B 102 -21.60 -9.17 6.79
C SER B 102 -21.85 -9.32 8.29
N HIS B 103 -22.69 -8.44 8.86
CA HIS B 103 -22.85 -8.44 10.30
C HIS B 103 -24.26 -8.04 10.67
N CYS B 104 -24.61 -8.34 11.92
CA CYS B 104 -25.89 -7.95 12.50
C CYS B 104 -25.71 -6.63 13.23
N SER B 105 -26.48 -5.62 12.82
CA SER B 105 -26.37 -4.29 13.41
C SER B 105 -26.85 -4.27 14.86
N HIS B 106 -27.77 -5.17 15.23
CA HIS B 106 -28.25 -5.22 16.60
C HIS B 106 -27.14 -5.61 17.57
N CYS B 107 -26.31 -6.58 17.19
CA CYS B 107 -25.22 -7.02 18.03
C CYS B 107 -23.98 -6.15 17.86
N VAL B 108 -23.72 -5.69 16.63
CA VAL B 108 -22.56 -4.86 16.36
C VAL B 108 -23.03 -3.55 15.71
N PRO B 109 -23.40 -2.54 16.51
CA PRO B 109 -23.94 -1.31 15.93
C PRO B 109 -22.87 -0.36 15.37
N LYS B 110 -21.61 -0.51 15.79
CA LYS B 110 -20.59 0.47 15.45
C LYS B 110 -19.38 -0.20 14.78
N LEU B 111 -19.67 -0.99 13.74
CA LEU B 111 -18.60 -1.61 12.97
C LEU B 111 -18.07 -0.63 11.94
N GLU B 112 -16.75 -0.61 11.79
CA GLU B 112 -16.10 0.29 10.82
C GLU B 112 -16.49 -0.10 9.41
N PRO B 113 -16.79 0.88 8.54
CA PRO B 113 -17.25 0.56 7.18
C PRO B 113 -16.15 -0.12 6.37
N ILE B 114 -16.57 -1.02 5.46
CA ILE B 114 -15.65 -1.68 4.56
C ILE B 114 -15.48 -0.80 3.33
N PRO B 115 -14.23 -0.50 2.92
CA PRO B 115 -14.02 0.30 1.72
C PRO B 115 -14.67 -0.33 0.49
N GLU B 116 -15.27 0.51 -0.35
CA GLU B 116 -15.97 0.04 -1.53
C GLU B 116 -15.00 -0.34 -2.65
N TRP B 117 -13.89 0.40 -2.77
CA TRP B 117 -12.89 0.17 -3.81
C TRP B 117 -11.52 0.35 -3.17
N PRO B 118 -10.51 -0.42 -3.59
CA PRO B 118 -9.18 -0.27 -2.98
C PRO B 118 -8.58 1.08 -3.39
N PRO B 119 -7.74 1.67 -2.55
CA PRO B 119 -7.10 2.93 -2.91
C PRO B 119 -6.14 2.76 -4.09
N LEU B 120 -5.68 3.88 -4.63
CA LEU B 120 -4.85 3.86 -5.82
C LEU B 120 -3.55 3.09 -5.58
N ALA B 121 -2.95 3.25 -4.40
CA ALA B 121 -1.75 2.51 -4.08
C ALA B 121 -1.99 1.01 -4.10
N SER B 122 -3.19 0.59 -3.68
CA SER B 122 -3.51 -0.82 -3.51
C SER B 122 -3.76 -1.54 -4.83
N CYS B 123 -4.32 -0.86 -5.83
CA CYS B 123 -4.62 -1.53 -7.08
C CYS B 123 -4.16 -0.73 -8.31
N GLY B 124 -4.04 0.60 -8.15
CA GLY B 124 -3.70 1.44 -9.28
C GLY B 124 -4.86 1.60 -10.28
N VAL B 125 -6.09 1.34 -9.83
CA VAL B 125 -7.25 1.41 -10.71
C VAL B 125 -8.31 2.29 -10.05
N PRO B 126 -8.82 3.33 -10.73
CA PRO B 126 -9.93 4.10 -10.20
C PRO B 126 -11.21 3.25 -10.26
N PRO B 127 -12.19 3.51 -9.39
CA PRO B 127 -13.37 2.66 -9.32
C PRO B 127 -14.11 2.50 -10.65
N PHE B 128 -14.04 1.28 -11.20
CA PHE B 128 -14.72 0.92 -12.44
C PHE B 128 -14.28 1.78 -13.62
N GLN B 129 -13.04 2.32 -13.56
CA GLN B 129 -12.52 3.14 -14.65
C GLN B 129 -11.17 2.61 -15.08
N LYS B 130 -10.84 2.79 -16.35
CA LYS B 130 -9.51 2.46 -16.82
C LYS B 130 -8.53 3.48 -16.28
N PRO B 131 -7.39 3.03 -15.70
CA PRO B 131 -6.41 3.98 -15.20
C PRO B 131 -5.85 4.87 -16.31
N LEU B 132 -5.66 6.15 -15.98
CA LEU B 132 -4.98 7.10 -16.85
C LEU B 132 -3.49 6.78 -16.95
N THR B 133 -2.90 6.30 -15.85
CA THR B 133 -1.49 6.01 -15.83
C THR B 133 -1.15 4.86 -16.77
N SER B 134 -0.04 5.00 -17.49
CA SER B 134 0.39 3.99 -18.44
C SER B 134 0.79 2.71 -17.70
N PRO B 135 0.58 1.54 -18.32
CA PRO B 135 0.92 0.27 -17.67
C PRO B 135 2.37 0.16 -17.22
N SER B 136 3.28 0.73 -18.01
CA SER B 136 4.71 0.73 -17.68
C SER B 136 4.94 1.47 -16.36
N ARG B 137 4.31 2.64 -16.21
CA ARG B 137 4.46 3.43 -15.00
C ARG B 137 3.91 2.67 -13.80
N LEU B 138 2.76 2.01 -13.98
CA LEU B 138 2.17 1.24 -12.89
C LEU B 138 3.08 0.08 -12.50
N SER B 139 3.67 -0.59 -13.48
CA SER B 139 4.60 -1.68 -13.21
C SER B 139 5.82 -1.18 -12.44
N ARG B 140 6.34 -0.03 -12.84
CA ARG B 140 7.49 0.55 -12.17
C ARG B 140 7.14 0.90 -10.73
N ASP B 141 5.94 1.44 -10.50
CA ASP B 141 5.50 1.75 -9.14
C ASP B 141 5.36 0.46 -8.32
N HIS B 142 4.79 -0.60 -8.91
CA HIS B 142 4.60 -1.85 -8.21
C HIS B 142 5.92 -2.56 -7.91
N ALA B 143 6.97 -2.24 -8.67
CA ALA B 143 8.29 -2.81 -8.43
C ALA B 143 8.90 -2.35 -7.11
N THR B 144 8.33 -1.31 -6.49
CA THR B 144 8.84 -0.82 -5.21
C THR B 144 8.21 -1.54 -4.01
N LEU B 145 7.24 -2.44 -4.26
CA LEU B 145 6.52 -3.09 -3.18
C LEU B 145 7.21 -4.40 -2.81
N ASN B 146 7.00 -4.84 -1.57
CA ASN B 146 7.45 -6.15 -1.12
C ASN B 146 6.76 -7.22 -1.97
N GLY B 147 7.38 -8.42 -2.05
CA GLY B 147 6.97 -9.35 -3.07
C GLY B 147 5.51 -9.78 -2.92
N ALA B 148 5.08 -10.07 -1.69
CA ALA B 148 3.67 -10.45 -1.49
C ALA B 148 2.75 -9.30 -1.89
N LEU B 149 3.04 -8.09 -1.40
CA LEU B 149 2.21 -6.94 -1.73
C LEU B 149 2.28 -6.61 -3.21
N GLN B 150 3.47 -6.76 -3.83
CA GLN B 150 3.60 -6.54 -5.26
C GLN B 150 2.72 -7.51 -6.04
N PHE B 151 2.74 -8.78 -5.67
CA PHE B 151 1.94 -9.78 -6.35
C PHE B 151 0.45 -9.48 -6.17
N ALA B 152 0.05 -9.14 -4.94
CA ALA B 152 -1.34 -8.81 -4.65
C ALA B 152 -1.79 -7.59 -5.46
N THR B 153 -0.94 -6.56 -5.54
CA THR B 153 -1.29 -5.34 -6.25
C THR B 153 -1.40 -5.59 -7.74
N LYS B 154 -0.49 -6.37 -8.32
CA LYS B 154 -0.59 -6.69 -9.75
C LYS B 154 -1.84 -7.50 -10.03
N GLN B 155 -2.15 -8.46 -9.16
CA GLN B 155 -3.36 -9.25 -9.32
C GLN B 155 -4.60 -8.37 -9.25
N LEU B 156 -4.66 -7.47 -8.27
CA LEU B 156 -5.81 -6.60 -8.10
C LEU B 156 -5.94 -5.66 -9.28
N SER B 157 -4.83 -5.11 -9.79
CA SER B 157 -4.87 -4.28 -10.98
C SER B 157 -5.46 -5.05 -12.15
N ARG B 158 -4.94 -6.25 -12.40
CA ARG B 158 -5.35 -7.05 -13.55
C ARG B 158 -6.83 -7.43 -13.45
N THR B 159 -7.29 -7.79 -12.26
CA THR B 159 -8.67 -8.25 -12.11
C THR B 159 -9.66 -7.10 -12.07
N LEU B 160 -9.31 -5.99 -11.40
CA LEU B 160 -10.20 -4.87 -11.27
C LEU B 160 -10.20 -3.96 -12.50
N SER B 161 -9.26 -4.14 -13.43
CA SER B 161 -9.32 -3.44 -14.71
C SER B 161 -10.56 -3.83 -15.50
N ARG B 162 -10.96 -5.10 -15.41
CA ARG B 162 -12.08 -5.62 -16.17
C ARG B 162 -13.39 -5.57 -15.38
N ALA B 163 -13.38 -4.94 -14.20
CA ALA B 163 -14.56 -4.91 -13.35
C ALA B 163 -15.67 -4.07 -13.98
N THR B 164 -16.92 -4.49 -13.75
CA THR B 164 -18.11 -3.79 -14.19
C THR B 164 -19.07 -3.72 -13.02
N PRO B 165 -19.76 -2.58 -12.83
CA PRO B 165 -20.59 -2.41 -11.64
C PRO B 165 -21.73 -3.42 -11.58
N ILE B 166 -22.07 -3.83 -10.36
CA ILE B 166 -23.22 -4.69 -10.11
C ILE B 166 -24.40 -3.83 -9.71
N PRO B 167 -25.58 -4.01 -10.33
CA PRO B 167 -26.75 -3.21 -9.96
C PRO B 167 -27.17 -3.46 -8.51
N GLU B 168 -27.70 -2.41 -7.89
CA GLU B 168 -28.14 -2.50 -6.50
C GLU B 168 -29.63 -2.87 -6.45
N CYS B 181 -33.13 -9.57 15.15
CA CYS B 181 -31.83 -10.27 15.26
C CYS B 181 -32.06 -11.75 15.55
N CYS B 182 -31.82 -12.58 14.52
CA CYS B 182 -31.94 -14.03 14.65
C CYS B 182 -30.56 -14.68 14.83
N CYS B 183 -29.63 -14.03 15.52
CA CYS B 183 -28.28 -14.57 15.63
C CYS B 183 -28.26 -15.85 16.46
N GLY B 184 -29.13 -15.95 17.46
CA GLY B 184 -29.18 -17.14 18.30
C GLY B 184 -29.57 -18.39 17.51
N TRP B 185 -30.64 -18.27 16.72
CA TRP B 185 -31.10 -19.40 15.94
C TRP B 185 -30.13 -19.72 14.79
N LEU B 186 -29.50 -18.70 14.22
CA LEU B 186 -28.48 -18.94 13.20
C LEU B 186 -27.27 -19.65 13.80
N THR B 187 -26.89 -19.29 15.02
CA THR B 187 -25.83 -20.00 15.70
C THR B 187 -26.19 -21.47 15.89
N LYS B 188 -27.43 -21.73 16.34
CA LYS B 188 -27.87 -23.10 16.53
C LYS B 188 -27.91 -23.85 15.20
N THR B 189 -28.32 -23.18 14.13
CA THR B 189 -28.37 -23.79 12.82
C THR B 189 -26.97 -24.19 12.34
N VAL B 190 -26.00 -23.29 12.49
CA VAL B 190 -24.64 -23.56 12.06
C VAL B 190 -24.01 -24.66 12.91
N LYS B 191 -24.28 -24.64 14.22
CA LYS B 191 -23.80 -25.70 15.10
C LYS B 191 -24.55 -27.01 14.89
N GLU B 192 -25.63 -27.01 14.09
CA GLU B 192 -26.45 -28.19 13.86
C GLU B 192 -27.04 -28.70 15.18
N THR B 193 -27.38 -27.78 16.08
CA THR B 193 -27.94 -28.10 17.39
C THR B 193 -29.26 -27.37 17.61
N THR B 194 -30.09 -27.29 16.58
CA THR B 194 -31.38 -26.63 16.71
C THR B 194 -32.37 -27.47 17.51
N ARG B 195 -32.24 -28.80 17.43
CA ARG B 195 -33.17 -29.69 18.11
C ARG B 195 -32.59 -30.27 19.40
N THR B 196 -31.44 -29.76 19.86
CA THR B 196 -30.78 -30.32 21.04
C THR B 196 -30.45 -29.27 22.10
N GLU B 197 -30.20 -28.01 21.72
CA GLU B 197 -29.85 -27.00 22.70
C GLU B 197 -31.07 -26.63 23.53
N PRO B 198 -30.89 -26.34 24.83
CA PRO B 198 -31.99 -25.82 25.63
C PRO B 198 -32.42 -24.43 25.17
N ILE B 199 -33.65 -24.06 25.53
CA ILE B 199 -34.19 -22.75 25.18
C ILE B 199 -33.40 -21.65 25.90
N ASN B 200 -32.94 -21.92 27.12
CA ASN B 200 -32.24 -20.94 27.94
C ASN B 200 -30.98 -20.42 27.24
N THR B 201 -30.38 -21.22 26.37
CA THR B 201 -29.18 -20.81 25.67
C THR B 201 -29.44 -19.60 24.79
N THR B 202 -28.57 -18.59 24.90
CA THR B 202 -28.68 -17.37 24.12
C THR B 202 -27.37 -17.13 23.39
N TYR B 203 -27.47 -16.74 22.12
CA TYR B 203 -26.31 -16.53 21.28
C TYR B 203 -26.40 -15.17 20.61
N SER B 204 -25.25 -14.46 20.59
CA SER B 204 -25.14 -13.19 19.90
C SER B 204 -24.42 -13.40 18.56
N TYR B 205 -24.11 -12.31 17.86
CA TYR B 205 -23.39 -12.39 16.61
C TYR B 205 -21.96 -12.89 16.81
N THR B 206 -21.40 -12.69 18.01
CA THR B 206 -20.08 -13.22 18.32
C THR B 206 -20.07 -14.75 18.25
N ASP B 207 -21.07 -15.38 18.87
CA ASP B 207 -21.19 -16.82 18.86
C ASP B 207 -21.45 -17.33 17.45
N PHE B 208 -22.29 -16.61 16.69
CA PHE B 208 -22.59 -16.98 15.32
C PHE B 208 -21.32 -16.93 14.47
N GLN B 209 -20.51 -15.90 14.65
CA GLN B 209 -19.25 -15.76 13.93
C GLN B 209 -18.30 -16.92 14.27
N LYS B 210 -18.18 -17.22 15.57
CA LYS B 210 -17.29 -18.29 16.00
C LYS B 210 -17.73 -19.62 15.40
N ALA B 211 -19.04 -19.90 15.43
CA ALA B 211 -19.55 -21.16 14.93
C ALA B 211 -19.33 -21.25 13.41
N VAL B 212 -19.55 -20.14 12.70
CA VAL B 212 -19.33 -20.14 11.26
C VAL B 212 -17.86 -20.40 10.94
N ASN B 213 -16.96 -19.76 11.68
CA ASN B 213 -15.54 -20.00 11.47
C ASN B 213 -15.17 -21.46 11.73
N LYS B 214 -15.71 -22.04 12.80
CA LYS B 214 -15.45 -23.45 13.09
C LYS B 214 -15.97 -24.35 11.97
N LEU B 215 -17.18 -24.07 11.48
CA LEU B 215 -17.76 -24.86 10.42
C LEU B 215 -16.92 -24.76 9.13
N LEU B 216 -16.48 -23.55 8.79
CA LEU B 216 -15.67 -23.37 7.59
C LEU B 216 -14.32 -24.09 7.75
N THR B 217 -13.72 -24.02 8.94
CA THR B 217 -12.48 -24.75 9.18
C THR B 217 -12.67 -26.25 8.96
N ALA B 218 -13.77 -26.80 9.49
CA ALA B 218 -14.02 -28.23 9.38
C ALA B 218 -14.34 -28.65 7.95
N SER B 219 -15.03 -27.77 7.18
CA SER B 219 -15.64 -28.16 5.92
C SER B 219 -14.82 -27.75 4.70
N LEU B 220 -14.13 -26.60 4.76
CA LEU B 220 -13.38 -26.14 3.59
C LEU B 220 -12.19 -27.08 3.35
N GLN C 22 -57.55 -44.95 22.60
CA GLN C 22 -57.82 -43.95 21.53
C GLN C 22 -56.58 -43.07 21.33
N LEU C 23 -56.06 -42.52 22.43
CA LEU C 23 -54.94 -41.59 22.35
C LEU C 23 -53.69 -42.25 21.79
N LYS C 24 -53.60 -43.59 21.84
CA LYS C 24 -52.54 -44.31 21.14
C LYS C 24 -52.53 -43.93 19.66
N CYS C 25 -53.72 -43.81 19.06
CA CYS C 25 -53.82 -43.43 17.66
C CYS C 25 -53.31 -41.99 17.49
N CYS C 26 -53.72 -41.10 18.40
CA CYS C 26 -53.30 -39.70 18.36
C CYS C 26 -51.77 -39.59 18.39
N SER C 27 -51.16 -40.38 19.28
CA SER C 27 -49.72 -40.46 19.36
C SER C 27 -49.13 -40.94 18.03
N GLY C 28 -49.78 -41.92 17.40
CA GLY C 28 -49.31 -42.39 16.10
C GLY C 28 -49.33 -41.31 15.01
N ILE C 29 -50.39 -40.47 14.97
CA ILE C 29 -50.37 -39.36 14.02
C ILE C 29 -49.24 -38.38 14.37
N LEU C 30 -49.06 -38.09 15.66
CA LEU C 30 -48.00 -37.16 16.04
C LEU C 30 -46.61 -37.70 15.68
N LYS C 31 -46.34 -38.98 15.93
CA LYS C 31 -45.09 -39.57 15.45
C LYS C 31 -44.97 -39.53 13.93
N GLU C 32 -46.07 -39.76 13.20
CA GLU C 32 -46.02 -39.68 11.74
C GLU C 32 -45.81 -38.25 11.26
N MET C 33 -46.03 -37.27 12.14
CA MET C 33 -45.68 -35.90 11.83
C MET C 33 -44.22 -35.60 12.22
N PHE C 34 -43.72 -36.22 13.29
CA PHE C 34 -42.31 -36.17 13.61
C PHE C 34 -41.46 -36.98 12.61
N ALA C 35 -42.09 -37.87 11.84
CA ALA C 35 -41.35 -38.78 10.96
C ALA C 35 -40.54 -38.01 9.92
N LYS C 36 -39.40 -38.60 9.55
CA LYS C 36 -38.35 -37.94 8.77
C LYS C 36 -38.80 -37.58 7.35
N LYS C 37 -39.89 -38.19 6.88
CA LYS C 37 -40.43 -37.89 5.56
C LYS C 37 -40.93 -36.44 5.46
N HIS C 38 -41.51 -35.91 6.55
CA HIS C 38 -42.14 -34.60 6.54
C HIS C 38 -41.21 -33.49 7.05
N ALA C 39 -40.07 -33.86 7.65
CA ALA C 39 -39.20 -32.92 8.35
C ALA C 39 -38.66 -31.80 7.45
N ALA C 40 -38.67 -32.02 6.13
CA ALA C 40 -38.33 -30.99 5.17
C ALA C 40 -39.27 -29.79 5.27
N TYR C 41 -40.50 -30.00 5.76
CA TYR C 41 -41.46 -28.92 5.94
C TYR C 41 -41.97 -28.82 7.37
N ALA C 42 -41.79 -29.86 8.20
CA ALA C 42 -42.32 -29.87 9.56
C ALA C 42 -41.38 -29.22 10.57
N TRP C 43 -40.11 -29.01 10.21
CA TRP C 43 -39.09 -28.71 11.20
C TRP C 43 -39.34 -27.45 12.04
N PRO C 44 -39.99 -26.37 11.54
CA PRO C 44 -40.21 -25.19 12.38
C PRO C 44 -41.14 -25.43 13.56
N PHE C 45 -42.00 -26.45 13.47
CA PHE C 45 -43.07 -26.68 14.43
C PHE C 45 -42.66 -27.66 15.52
N TYR C 46 -41.42 -28.18 15.45
CA TYR C 46 -40.97 -29.22 16.38
C TYR C 46 -40.79 -28.68 17.79
N LYS C 47 -40.57 -27.37 17.93
CA LYS C 47 -40.37 -26.80 19.26
C LYS C 47 -41.00 -25.42 19.34
N PRO C 48 -41.23 -24.88 20.56
CA PRO C 48 -41.80 -23.54 20.70
C PRO C 48 -41.00 -22.48 19.95
N VAL C 49 -41.70 -21.41 19.55
CA VAL C 49 -41.08 -20.33 18.82
C VAL C 49 -40.33 -19.45 19.80
N ASP C 50 -39.02 -19.69 19.90
CA ASP C 50 -38.16 -18.89 20.76
C ASP C 50 -38.10 -17.48 20.21
N VAL C 51 -38.27 -16.50 21.10
CA VAL C 51 -38.36 -15.11 20.69
C VAL C 51 -37.01 -14.40 20.81
N GLU C 52 -36.16 -14.84 21.75
CA GLU C 52 -34.84 -14.23 21.91
C GLU C 52 -33.89 -14.70 20.80
N ALA C 53 -34.12 -15.92 20.29
CA ALA C 53 -33.27 -16.55 19.29
C ALA C 53 -33.66 -16.11 17.87
N LEU C 54 -34.96 -15.98 17.60
CA LEU C 54 -35.45 -15.71 16.26
C LEU C 54 -35.73 -14.22 16.04
N GLY C 55 -35.42 -13.39 17.04
CA GLY C 55 -35.56 -11.94 16.93
C GLY C 55 -37.00 -11.46 16.70
N LEU C 56 -37.98 -12.29 17.08
CA LEU C 56 -39.38 -11.97 16.82
C LEU C 56 -39.98 -11.28 18.04
N HIS C 57 -39.55 -10.04 18.30
CA HIS C 57 -39.99 -9.32 19.47
C HIS C 57 -41.44 -8.85 19.34
N ASP C 58 -42.33 -9.74 18.87
CA ASP C 58 -43.75 -9.41 18.73
C ASP C 58 -44.65 -10.58 19.11
N TYR C 59 -44.09 -11.78 19.32
CA TYR C 59 -44.90 -12.98 19.44
C TYR C 59 -45.84 -12.91 20.64
N CYS C 60 -45.29 -12.53 21.79
CA CYS C 60 -46.06 -12.55 23.04
C CYS C 60 -47.29 -11.62 22.96
N ASP C 61 -47.25 -10.62 22.08
CA ASP C 61 -48.34 -9.66 21.97
C ASP C 61 -49.39 -10.14 20.98
N ILE C 62 -48.95 -10.61 19.80
CA ILE C 62 -49.86 -10.99 18.75
C ILE C 62 -50.34 -12.44 18.92
N ILE C 63 -49.64 -13.22 19.75
CA ILE C 63 -50.04 -14.58 20.08
C ILE C 63 -50.03 -14.72 21.59
N LYS C 64 -51.15 -15.21 22.15
CA LYS C 64 -51.36 -15.21 23.59
C LYS C 64 -50.95 -16.55 24.20
N HIS C 65 -51.48 -17.66 23.66
CA HIS C 65 -51.15 -18.98 24.16
C HIS C 65 -50.30 -19.71 23.13
N PRO C 66 -49.05 -20.10 23.46
CA PRO C 66 -48.17 -20.72 22.47
C PRO C 66 -48.15 -22.24 22.56
N MET C 67 -48.22 -22.90 21.40
CA MET C 67 -48.27 -24.36 21.34
C MET C 67 -47.30 -24.86 20.28
N ASP C 68 -46.78 -26.07 20.50
CA ASP C 68 -45.86 -26.69 19.58
C ASP C 68 -46.01 -28.20 19.66
N MET C 69 -45.43 -28.89 18.68
CA MET C 69 -45.48 -30.34 18.63
C MET C 69 -44.87 -30.98 19.88
N SER C 70 -43.81 -30.38 20.43
CA SER C 70 -43.17 -30.93 21.62
C SER C 70 -44.05 -30.75 22.86
N THR C 71 -44.73 -29.61 22.97
CA THR C 71 -45.68 -29.40 24.05
C THR C 71 -46.86 -30.37 23.93
N ILE C 72 -47.35 -30.58 22.71
CA ILE C 72 -48.43 -31.54 22.49
C ILE C 72 -47.97 -32.95 22.89
N LYS C 73 -46.75 -33.34 22.52
CA LYS C 73 -46.21 -34.62 22.92
C LYS C 73 -46.10 -34.75 24.45
N SER C 74 -45.67 -33.69 25.12
CA SER C 74 -45.58 -33.69 26.58
C SER C 74 -46.97 -33.80 27.22
N LYS C 75 -47.97 -33.16 26.62
CA LYS C 75 -49.34 -33.26 27.13
C LYS C 75 -49.95 -34.64 26.88
N LEU C 76 -49.59 -35.29 25.77
CA LEU C 76 -49.96 -36.69 25.57
C LEU C 76 -49.28 -37.55 26.65
N GLU C 77 -47.99 -37.33 26.89
CA GLU C 77 -47.28 -38.06 27.93
C GLU C 77 -47.85 -37.76 29.31
N ALA C 78 -48.32 -36.51 29.53
CA ALA C 78 -49.05 -36.17 30.74
C ALA C 78 -50.51 -36.66 30.71
N ARG C 79 -50.95 -37.27 29.61
CA ARG C 79 -52.33 -37.75 29.46
C ARG C 79 -53.33 -36.63 29.76
N GLU C 80 -52.95 -35.39 29.43
CA GLU C 80 -53.74 -34.22 29.80
C GLU C 80 -54.95 -34.04 28.90
N TYR C 81 -54.92 -34.63 27.69
CA TYR C 81 -56.06 -34.60 26.79
C TYR C 81 -57.15 -35.56 27.25
N ARG C 82 -58.40 -35.06 27.22
CA ARG C 82 -59.56 -35.87 27.54
C ARG C 82 -60.02 -36.67 26.34
N ASP C 83 -59.79 -36.17 25.12
CA ASP C 83 -60.19 -36.88 23.92
C ASP C 83 -59.39 -36.36 22.72
N ALA C 84 -59.58 -37.06 21.59
CA ALA C 84 -58.90 -36.76 20.33
C ALA C 84 -59.20 -35.35 19.84
N GLN C 85 -60.34 -34.78 20.22
CA GLN C 85 -60.68 -33.42 19.83
C GLN C 85 -59.91 -32.36 20.63
N GLU C 86 -59.54 -32.65 21.89
CA GLU C 86 -58.67 -31.73 22.61
C GLU C 86 -57.26 -31.70 22.02
N PHE C 87 -56.72 -32.87 21.66
CA PHE C 87 -55.49 -32.93 20.86
C PHE C 87 -55.65 -32.15 19.55
N GLY C 88 -56.75 -32.39 18.84
CA GLY C 88 -57.07 -31.60 17.66
C GLY C 88 -57.07 -30.10 17.95
N ALA C 89 -57.52 -29.74 19.16
CA ALA C 89 -57.64 -28.33 19.54
C ALA C 89 -56.26 -27.70 19.69
N ASP C 90 -55.33 -28.39 20.35
CA ASP C 90 -54.00 -27.85 20.51
C ASP C 90 -53.24 -27.81 19.18
N VAL C 91 -53.30 -28.90 18.40
CA VAL C 91 -52.61 -28.91 17.13
C VAL C 91 -53.23 -27.86 16.19
N ARG C 92 -54.52 -27.56 16.38
CA ARG C 92 -55.14 -26.48 15.63
C ARG C 92 -54.67 -25.14 16.17
N LEU C 93 -54.38 -25.06 17.47
CA LEU C 93 -54.02 -23.76 18.02
C LEU C 93 -52.61 -23.43 17.54
N MET C 94 -51.83 -24.48 17.27
CA MET C 94 -50.49 -24.31 16.71
C MET C 94 -50.59 -23.79 15.27
N PHE C 95 -51.32 -24.51 14.42
CA PHE C 95 -51.41 -24.09 13.03
C PHE C 95 -52.04 -22.70 12.95
N SER C 96 -53.07 -22.46 13.77
CA SER C 96 -53.72 -21.15 13.81
C SER C 96 -52.70 -20.08 14.18
N ASN C 97 -51.88 -20.34 15.19
CA ASN C 97 -50.94 -19.34 15.67
C ASN C 97 -49.99 -18.95 14.54
N CYS C 98 -49.69 -19.92 13.68
CA CYS C 98 -48.75 -19.65 12.60
C CYS C 98 -49.46 -18.89 11.48
N TYR C 99 -50.61 -19.43 11.04
CA TYR C 99 -51.43 -18.79 10.02
C TYR C 99 -51.78 -17.35 10.38
N LYS C 100 -51.74 -17.02 11.68
CA LYS C 100 -52.08 -15.67 12.12
C LYS C 100 -50.84 -14.79 12.26
N TYR C 101 -49.83 -15.24 12.99
CA TYR C 101 -48.68 -14.38 13.23
C TYR C 101 -47.94 -14.03 11.94
N ASN C 102 -48.12 -14.81 10.88
CA ASN C 102 -47.28 -14.60 9.70
C ASN C 102 -48.11 -14.15 8.51
N PRO C 103 -47.53 -13.34 7.60
CA PRO C 103 -48.22 -12.98 6.37
C PRO C 103 -48.49 -14.20 5.51
N PRO C 104 -49.61 -14.25 4.77
CA PRO C 104 -49.83 -15.33 3.82
C PRO C 104 -48.89 -15.16 2.63
N ASP C 105 -48.50 -16.29 2.03
CA ASP C 105 -47.51 -16.38 0.96
C ASP C 105 -46.12 -16.64 1.53
N HIS C 106 -45.96 -16.39 2.84
CA HIS C 106 -44.72 -16.64 3.55
C HIS C 106 -44.45 -18.13 3.57
N GLU C 107 -43.18 -18.50 3.78
CA GLU C 107 -42.78 -19.90 3.71
C GLU C 107 -43.34 -20.70 4.89
N VAL C 108 -43.39 -20.12 6.08
CA VAL C 108 -43.80 -20.91 7.23
C VAL C 108 -45.31 -21.12 7.17
N VAL C 109 -46.00 -20.33 6.35
CA VAL C 109 -47.43 -20.45 6.21
C VAL C 109 -47.73 -21.51 5.16
N ALA C 110 -46.70 -21.91 4.42
CA ALA C 110 -46.90 -22.83 3.32
C ALA C 110 -46.36 -24.20 3.74
N MET C 111 -45.54 -24.20 4.78
CA MET C 111 -45.09 -25.47 5.29
C MET C 111 -46.02 -25.79 6.44
N ALA C 112 -46.77 -24.76 6.86
CA ALA C 112 -47.82 -24.98 7.82
C ALA C 112 -48.97 -25.63 7.07
N ARG C 113 -49.41 -24.96 6.00
CA ARG C 113 -50.47 -25.50 5.16
C ARG C 113 -50.16 -26.96 4.81
N LYS C 114 -48.89 -27.24 4.51
CA LYS C 114 -48.47 -28.59 4.17
C LYS C 114 -48.61 -29.54 5.37
N LEU C 115 -48.19 -29.11 6.55
CA LEU C 115 -48.26 -30.01 7.70
C LEU C 115 -49.70 -30.22 8.15
N GLN C 116 -50.55 -29.19 8.09
CA GLN C 116 -51.96 -29.43 8.41
C GLN C 116 -52.47 -30.54 7.50
N ASP C 117 -51.92 -30.66 6.27
CA ASP C 117 -52.46 -31.62 5.31
C ASP C 117 -52.37 -33.01 5.92
N VAL C 118 -51.18 -33.42 6.37
CA VAL C 118 -51.00 -34.72 6.98
C VAL C 118 -51.94 -34.89 8.16
N PHE C 119 -51.91 -33.90 9.07
CA PHE C 119 -52.73 -34.02 10.25
C PHE C 119 -54.12 -34.42 9.82
N GLU C 120 -54.76 -33.66 8.91
CA GLU C 120 -56.13 -33.90 8.50
C GLU C 120 -56.30 -35.27 7.83
N MET C 121 -55.46 -35.58 6.83
CA MET C 121 -55.56 -36.84 6.10
C MET C 121 -55.47 -38.04 7.05
N ARG C 122 -54.85 -37.90 8.23
CA ARG C 122 -54.71 -39.10 9.07
C ARG C 122 -55.65 -39.03 10.26
N PHE C 123 -56.15 -37.81 10.55
CA PHE C 123 -57.11 -37.60 11.62
C PHE C 123 -58.48 -37.91 11.05
N ALA C 124 -58.72 -37.42 9.83
CA ALA C 124 -59.99 -37.77 9.21
C ALA C 124 -60.25 -39.29 9.22
N LYS C 125 -59.18 -40.08 9.42
CA LYS C 125 -59.28 -41.53 9.40
C LYS C 125 -59.25 -42.12 10.81
N MET C 126 -59.28 -41.26 11.83
CA MET C 126 -59.26 -41.67 13.22
C MET C 126 -60.53 -42.48 13.56
N MET D 5 32.04 14.68 -33.00
CA MET D 5 31.19 13.66 -33.66
C MET D 5 29.73 14.05 -33.49
N ALA D 6 29.32 14.34 -32.24
CA ALA D 6 27.97 14.76 -31.93
C ALA D 6 27.88 16.29 -32.04
N ASP D 7 27.45 16.78 -33.20
CA ASP D 7 27.27 18.20 -33.41
C ASP D 7 26.12 18.78 -32.59
N PHE D 8 25.28 17.92 -32.01
CA PHE D 8 24.15 18.37 -31.20
C PHE D 8 24.51 18.52 -29.73
N LEU D 9 25.75 18.15 -29.33
CA LEU D 9 26.23 18.39 -27.98
C LEU D 9 27.33 19.46 -27.95
N LYS D 10 27.49 20.23 -29.03
CA LYS D 10 28.64 21.11 -29.17
C LYS D 10 28.55 22.30 -28.21
N GLY D 11 27.38 22.93 -28.13
CA GLY D 11 27.29 24.23 -27.48
C GLY D 11 26.48 24.20 -26.18
N LEU D 12 26.76 23.20 -25.31
CA LEU D 12 25.96 23.05 -24.10
C LEU D 12 26.13 24.29 -23.21
N PRO D 13 25.05 24.78 -22.59
CA PRO D 13 25.06 26.05 -21.88
C PRO D 13 26.10 26.12 -20.78
N VAL D 14 26.73 27.30 -20.67
CA VAL D 14 27.72 27.57 -19.65
C VAL D 14 27.25 28.77 -18.83
N TYR D 15 26.99 28.53 -17.54
CA TYR D 15 26.67 29.62 -16.63
C TYR D 15 27.95 30.20 -16.03
N ASN D 16 28.88 29.32 -15.68
CA ASN D 16 30.20 29.71 -15.21
C ASN D 16 31.15 28.61 -15.64
N LYS D 17 32.14 28.95 -16.48
CA LYS D 17 33.04 27.95 -17.04
C LYS D 17 33.91 27.30 -15.96
N SER D 18 33.99 27.89 -14.77
CA SER D 18 34.74 27.28 -13.67
C SER D 18 33.97 26.11 -13.03
N ASN D 19 32.66 26.01 -13.27
CA ASN D 19 31.86 24.97 -12.63
C ASN D 19 32.25 23.58 -13.13
N PHE D 20 32.44 22.66 -12.18
CA PHE D 20 32.84 21.27 -12.40
C PHE D 20 34.23 21.14 -13.03
N SER D 21 35.01 22.23 -13.10
CA SER D 21 36.32 22.16 -13.71
C SER D 21 37.32 21.46 -12.77
N ARG D 22 37.10 21.60 -11.46
CA ARG D 22 37.98 21.00 -10.47
C ARG D 22 37.27 19.86 -9.73
N PHE D 23 36.49 19.07 -10.48
CA PHE D 23 35.78 17.93 -9.93
C PHE D 23 36.73 16.82 -9.50
#